data_3T6A
#
_entry.id   3T6A
#
_cell.length_a   50.233
_cell.length_b   151.889
_cell.length_c   196.503
_cell.angle_alpha   90.00
_cell.angle_beta   90.00
_cell.angle_gamma   90.00
#
_symmetry.space_group_name_H-M   'P 21 21 21'
#
loop_
_entity.id
_entity.type
_entity.pdbx_description
1 polymer 'Breast cancer anti-estrogen resistance protein 3'
2 non-polymer (20S)-2,5,8,11,14,17-HEXAMETHYL-3,6,9,12,15,18-HEXAOXAHENICOSANE-1,20-DIOL
3 non-polymer 'UNKNOWN ATOM OR ION'
4 water water
#
_entity_poly.entity_id   1
_entity_poly.type   'polypeptide(L)'
_entity_poly.pdbx_seq_one_letter_code
;MGEFVTPLLETVSSFRPNEFESKFLPPENKPLETALLKRAKELFTNNDPKVIAQHVLSMDCRVARILGVSEEMRRNMGVS
SGLELITLPHGHQLRLDIIERHNTMAIGIAVDILGCTGTLEDRAATLSKIIQVAVELKDSMGDLYSFSALMKALEMPQIT
RLEKTWTALRHQYTQTAILYEKQLKPFSKLLHEGRESTCVPPNNVSVPLLMPLVTLMERQAVTFEGTDMWEKNDQSCEIM
LNHLATARFMAEAADSYRMNAERILAGFQPDEEMNEICKTEFQMRLLWGSKGAQVNQTERYEKFNQILTALSRKLEPPPV
KQAELLEHHHHHH
;
_entity_poly.pdbx_strand_id   A,B,C,D
#
# COMPACT_ATOMS: atom_id res chain seq x y z
N THR A 11 -1.59 25.74 -18.56
CA THR A 11 -1.02 26.40 -19.72
C THR A 11 -1.28 25.56 -20.98
N VAL A 12 -0.36 25.59 -21.94
CA VAL A 12 -0.47 24.80 -23.18
C VAL A 12 0.70 23.82 -23.28
N SER A 13 0.90 23.19 -24.43
CA SER A 13 2.09 22.37 -24.66
C SER A 13 3.31 23.28 -24.82
N SER A 14 4.50 22.74 -24.56
CA SER A 14 5.73 23.45 -24.85
C SER A 14 5.99 23.40 -26.35
N PHE A 15 5.49 22.36 -27.00
CA PHE A 15 5.63 22.18 -28.44
C PHE A 15 5.11 23.39 -29.19
N ARG A 16 6.01 24.13 -29.84
CA ARG A 16 5.58 25.22 -30.71
C ARG A 16 6.01 24.94 -32.14
N PRO A 17 5.13 24.28 -32.90
CA PRO A 17 5.31 23.86 -34.29
C PRO A 17 5.50 25.00 -35.29
N ASN A 18 4.73 26.08 -35.15
CA ASN A 18 4.81 27.19 -36.10
C ASN A 18 6.21 27.81 -36.15
N GLU A 19 7.05 27.46 -35.19
CA GLU A 19 8.36 28.07 -35.06
C GLU A 19 9.49 27.03 -35.12
N PHE A 20 9.10 25.78 -35.29
CA PHE A 20 10.05 24.68 -35.46
C PHE A 20 10.70 24.73 -36.84
N GLU A 21 12.02 24.64 -36.90
CA GLU A 21 12.74 24.59 -38.17
C GLU A 21 13.33 23.20 -38.37
N SER A 22 13.58 22.85 -39.63
CA SER A 22 14.22 21.59 -39.94
C SER A 22 14.75 21.53 -41.36
N LYS A 23 15.93 20.95 -41.49
CA LYS A 23 16.55 20.72 -42.78
C LYS A 23 15.67 19.84 -43.68
N PHE A 24 14.64 19.25 -43.10
CA PHE A 24 13.81 18.30 -43.83
C PHE A 24 12.37 18.76 -44.02
N LEU A 25 12.12 20.05 -43.81
CA LEU A 25 10.76 20.59 -43.86
C LEU A 25 10.76 21.96 -44.51
N PRO A 26 9.88 22.15 -45.50
CA PRO A 26 9.78 23.47 -46.14
C PRO A 26 9.31 24.51 -45.13
N PRO A 27 9.84 25.74 -45.24
CA PRO A 27 9.51 26.83 -44.31
C PRO A 27 8.00 27.05 -44.19
N GLU A 28 7.32 26.93 -45.32
CA GLU A 28 5.87 27.13 -45.39
C GLU A 28 5.21 25.91 -46.03
N ASN A 29 4.83 24.95 -45.19
CA ASN A 29 4.19 23.76 -45.69
C ASN A 29 2.70 23.75 -45.39
N LYS A 30 1.92 23.19 -46.31
CA LYS A 30 0.48 23.07 -46.14
C LYS A 30 0.15 21.76 -45.43
N PRO A 31 -1.07 21.63 -44.91
CA PRO A 31 -1.42 20.35 -44.29
C PRO A 31 -1.37 19.15 -45.24
N LEU A 32 -0.92 18.03 -44.68
CA LEU A 32 -0.88 16.76 -45.39
C LEU A 32 -0.32 16.92 -46.80
N GLU A 33 0.66 17.80 -46.95
CA GLU A 33 1.36 17.92 -48.22
C GLU A 33 1.70 16.53 -48.74
N THR A 34 1.31 16.29 -49.99
CA THR A 34 1.40 14.97 -50.56
C THR A 34 2.85 14.49 -50.75
N ALA A 35 3.74 15.38 -51.16
CA ALA A 35 5.16 15.04 -51.33
C ALA A 35 5.79 14.70 -49.99
N LEU A 36 5.41 15.43 -48.95
CA LEU A 36 5.95 15.20 -47.61
C LEU A 36 5.42 13.93 -46.94
N LEU A 37 4.15 13.60 -47.16
CA LEU A 37 3.62 12.31 -46.69
C LEU A 37 4.31 11.19 -47.45
N LYS A 38 4.64 11.47 -48.72
CA LYS A 38 5.35 10.52 -49.54
C LYS A 38 6.70 10.21 -48.88
N ARG A 39 7.49 11.24 -48.63
CA ARG A 39 8.82 11.07 -48.05
C ARG A 39 8.76 10.34 -46.70
N ALA A 40 7.80 10.71 -45.86
CA ALA A 40 7.64 10.04 -44.57
C ALA A 40 7.42 8.53 -44.75
N LYS A 41 6.36 8.16 -45.47
CA LYS A 41 6.06 6.76 -45.72
C LYS A 41 7.33 6.01 -46.13
N GLU A 42 8.01 6.53 -47.15
CA GLU A 42 9.25 5.94 -47.66
C GLU A 42 10.26 5.62 -46.57
N LEU A 43 10.42 6.54 -45.62
CA LEU A 43 11.32 6.34 -44.49
C LEU A 43 10.94 5.11 -43.66
N PHE A 44 9.70 5.09 -43.18
CA PHE A 44 9.21 3.97 -42.38
C PHE A 44 9.15 2.67 -43.20
N THR A 45 8.80 2.81 -44.47
CA THR A 45 8.79 1.67 -45.40
C THR A 45 10.17 1.03 -45.58
N ASN A 46 11.19 1.86 -45.81
CA ASN A 46 12.53 1.36 -46.08
C ASN A 46 13.39 1.08 -44.85
N ASN A 47 12.84 1.28 -43.66
CA ASN A 47 13.63 1.00 -42.47
C ASN A 47 13.14 -0.22 -41.70
N ASP A 48 14.09 -0.95 -41.13
CA ASP A 48 13.83 -2.09 -40.26
C ASP A 48 13.04 -1.66 -39.00
N PRO A 49 12.04 -2.47 -38.59
CA PRO A 49 11.20 -2.16 -37.42
C PRO A 49 12.00 -1.95 -36.12
N LYS A 50 13.12 -2.64 -35.94
CA LYS A 50 13.92 -2.40 -34.74
C LYS A 50 14.54 -1.01 -34.78
N VAL A 51 15.02 -0.62 -35.98
CA VAL A 51 15.63 0.69 -36.15
C VAL A 51 14.62 1.81 -35.92
N ILE A 52 13.43 1.61 -36.45
CA ILE A 52 12.32 2.53 -36.18
C ILE A 52 12.06 2.63 -34.67
N ALA A 53 11.99 1.49 -33.99
CA ALA A 53 11.66 1.44 -32.56
C ALA A 53 12.76 2.07 -31.69
N GLN A 54 14.01 1.96 -32.12
CA GLN A 54 15.12 2.61 -31.41
C GLN A 54 15.02 4.14 -31.48
N HIS A 55 14.60 4.66 -32.63
CA HIS A 55 14.39 6.11 -32.77
C HIS A 55 13.21 6.59 -31.90
N VAL A 56 12.13 5.82 -31.88
CA VAL A 56 10.96 6.20 -31.09
C VAL A 56 11.32 6.20 -29.60
N LEU A 57 11.87 5.09 -29.12
CA LEU A 57 12.31 5.01 -27.74
C LEU A 57 13.27 6.14 -27.35
N SER A 58 14.27 6.39 -28.19
CA SER A 58 15.26 7.43 -27.95
C SER A 58 14.60 8.81 -27.83
N MET A 59 13.61 9.05 -28.67
CA MET A 59 12.88 10.31 -28.67
C MET A 59 11.94 10.41 -27.47
N ASP A 60 11.25 9.32 -27.17
CA ASP A 60 10.39 9.27 -26.00
C ASP A 60 11.21 9.54 -24.75
N CYS A 61 12.46 9.05 -24.70
CA CYS A 61 13.26 9.28 -23.52
C CYS A 61 13.67 10.74 -23.36
N ARG A 62 13.82 11.44 -24.47
CA ARG A 62 14.09 12.86 -24.38
C ARG A 62 12.85 13.59 -23.90
N VAL A 63 11.69 13.28 -24.48
CA VAL A 63 10.47 14.05 -24.21
C VAL A 63 10.01 13.85 -22.76
N ALA A 64 10.11 12.62 -22.27
CA ALA A 64 9.72 12.31 -20.91
C ALA A 64 10.85 12.63 -19.92
N ARG A 65 11.98 13.10 -20.44
CA ARG A 65 13.15 13.46 -19.62
C ARG A 65 13.68 12.30 -18.78
N ILE A 66 13.82 11.14 -19.42
CA ILE A 66 14.50 10.00 -18.82
C ILE A 66 15.97 10.05 -19.20
N LEU A 67 16.25 10.47 -20.43
CA LEU A 67 17.64 10.64 -20.89
C LEU A 67 17.91 12.07 -21.35
N GLY A 68 19.17 12.47 -21.31
CA GLY A 68 19.60 13.73 -21.91
C GLY A 68 19.29 14.98 -21.11
N VAL A 69 19.02 14.80 -19.82
CA VAL A 69 18.66 15.89 -18.96
C VAL A 69 19.90 16.70 -18.59
N SER A 70 20.02 17.91 -19.15
CA SER A 70 21.12 18.80 -18.82
C SER A 70 21.05 19.15 -17.34
N GLU A 71 22.12 19.72 -16.79
CA GLU A 71 22.11 20.14 -15.39
C GLU A 71 21.16 21.32 -15.15
N GLU A 72 21.06 22.20 -16.14
CA GLU A 72 20.11 23.31 -16.13
C GLU A 72 18.69 22.76 -16.02
N MET A 73 18.37 21.74 -16.82
CA MET A 73 17.05 21.11 -16.79
C MET A 73 16.72 20.47 -15.44
N ARG A 74 17.71 19.83 -14.81
CA ARG A 74 17.52 19.17 -13.51
C ARG A 74 17.33 20.15 -12.36
N ARG A 75 18.15 21.19 -12.31
CA ARG A 75 17.98 22.23 -11.30
C ARG A 75 16.63 22.88 -11.51
N ASN A 76 16.17 22.81 -12.76
CA ASN A 76 14.94 23.43 -13.22
C ASN A 76 13.73 22.59 -12.83
N MET A 77 13.91 21.26 -12.77
CA MET A 77 12.82 20.36 -12.43
C MET A 77 12.71 20.20 -10.92
N GLY A 78 13.85 20.14 -10.22
CA GLY A 78 13.89 19.88 -8.79
C GLY A 78 14.10 18.40 -8.53
N VAL A 79 14.11 17.63 -9.61
CA VAL A 79 14.24 16.18 -9.55
C VAL A 79 15.08 15.73 -10.71
N SER A 80 15.51 14.48 -10.68
CA SER A 80 16.40 14.01 -11.72
C SER A 80 15.67 13.58 -13.00
N SER A 81 14.46 13.06 -12.86
CA SER A 81 13.74 12.47 -13.98
C SER A 81 12.34 13.02 -14.16
N GLY A 82 11.95 13.21 -15.42
CA GLY A 82 10.60 13.60 -15.74
C GLY A 82 9.52 12.66 -15.18
N LEU A 83 9.89 11.40 -14.96
CA LEU A 83 8.95 10.39 -14.43
C LEU A 83 8.59 10.66 -12.97
N GLU A 84 9.48 11.37 -12.28
CA GLU A 84 9.19 11.85 -10.94
C GLU A 84 8.34 13.11 -11.08
N LEU A 85 8.74 13.97 -12.00
CA LEU A 85 8.11 15.28 -12.15
C LEU A 85 6.64 15.22 -12.49
N ILE A 86 6.23 14.18 -13.22
CA ILE A 86 4.82 14.11 -13.65
C ILE A 86 3.84 13.72 -12.54
N THR A 87 4.35 13.27 -11.40
CA THR A 87 3.50 12.93 -10.29
C THR A 87 3.34 14.15 -9.38
N LEU A 88 4.03 15.22 -9.74
CA LEU A 88 4.04 16.46 -8.95
C LEU A 88 3.28 17.60 -9.65
N PRO A 89 2.74 18.54 -8.85
CA PRO A 89 2.02 19.69 -9.41
C PRO A 89 2.76 20.38 -10.56
N HIS A 90 4.02 20.74 -10.39
CA HIS A 90 4.73 21.46 -11.45
C HIS A 90 5.14 20.60 -12.65
N GLY A 91 4.56 19.41 -12.76
CA GLY A 91 4.78 18.58 -13.93
C GLY A 91 3.64 18.76 -14.92
N HIS A 92 2.82 19.78 -14.68
CA HIS A 92 1.63 20.03 -15.48
C HIS A 92 1.98 20.19 -16.96
N GLN A 93 2.98 21.00 -17.26
CA GLN A 93 3.42 21.20 -18.64
C GLN A 93 3.83 19.89 -19.29
N LEU A 94 4.68 19.15 -18.59
CA LEU A 94 5.17 17.85 -19.06
C LEU A 94 4.00 16.94 -19.38
N ARG A 95 3.10 16.80 -18.42
CA ARG A 95 1.87 16.03 -18.64
C ARG A 95 1.15 16.44 -19.92
N LEU A 96 1.02 17.74 -20.18
CA LEU A 96 0.35 18.21 -21.39
C LEU A 96 1.15 17.82 -22.61
N ASP A 97 2.48 17.94 -22.53
CA ASP A 97 3.35 17.54 -23.64
C ASP A 97 3.17 16.05 -23.91
N ILE A 98 3.21 15.25 -22.85
CA ILE A 98 3.03 13.82 -22.96
C ILE A 98 1.74 13.45 -23.67
N ILE A 99 0.67 14.16 -23.34
CA ILE A 99 -0.62 13.96 -23.98
C ILE A 99 -0.61 14.32 -25.48
N GLU A 100 -0.01 15.47 -25.82
CA GLU A 100 0.03 15.91 -27.23
C GLU A 100 0.82 14.96 -28.15
N ARG A 101 1.97 14.48 -27.69
CA ARG A 101 2.81 13.63 -28.50
C ARG A 101 2.12 12.31 -28.79
N HIS A 102 1.40 11.80 -27.80
CA HIS A 102 0.72 10.53 -27.90
C HIS A 102 -0.40 10.62 -28.94
N ASN A 103 -1.28 11.60 -28.79
CA ASN A 103 -2.37 11.85 -29.75
C ASN A 103 -1.86 12.07 -31.16
N THR A 104 -0.84 12.91 -31.28
CA THR A 104 -0.30 13.24 -32.59
C THR A 104 0.31 11.98 -33.26
N MET A 105 0.99 11.17 -32.45
CA MET A 105 1.60 9.94 -32.93
C MET A 105 0.52 8.94 -33.37
N ALA A 106 -0.50 8.73 -32.54
CA ALA A 106 -1.57 7.82 -32.93
C ALA A 106 -2.23 8.29 -34.23
N ILE A 107 -2.49 9.60 -34.32
CA ILE A 107 -3.08 10.12 -35.54
C ILE A 107 -2.19 9.85 -36.77
N GLY A 108 -0.87 10.03 -36.64
CA GLY A 108 0.03 9.82 -37.76
C GLY A 108 0.06 8.38 -38.25
N ILE A 109 0.05 7.45 -37.32
CA ILE A 109 -0.02 6.03 -37.67
C ILE A 109 -1.25 5.78 -38.55
N ALA A 110 -2.42 6.13 -38.05
CA ALA A 110 -3.66 6.03 -38.82
C ALA A 110 -3.54 6.67 -40.22
N VAL A 111 -2.90 7.83 -40.29
CA VAL A 111 -2.82 8.53 -41.56
C VAL A 111 -1.87 7.75 -42.47
N ASP A 112 -1.02 6.95 -41.84
CA ASP A 112 -0.03 6.21 -42.57
C ASP A 112 -0.67 5.00 -43.26
N ILE A 113 -1.67 4.44 -42.62
CA ILE A 113 -2.42 3.35 -43.22
C ILE A 113 -3.42 3.88 -44.23
N LEU A 114 -4.13 4.94 -43.87
CA LEU A 114 -5.28 5.40 -44.63
C LEU A 114 -4.95 6.40 -45.74
N GLY A 115 -3.75 6.95 -45.72
CA GLY A 115 -3.43 8.01 -46.66
C GLY A 115 -2.18 7.73 -47.49
N CYS A 116 -1.19 7.13 -46.83
CA CYS A 116 0.12 6.92 -47.46
C CYS A 116 0.17 5.60 -48.22
N THR A 117 -1.00 5.07 -48.56
CA THR A 117 -1.06 3.81 -49.29
C THR A 117 -1.93 3.89 -50.56
N GLY A 118 -1.59 3.03 -51.51
CA GLY A 118 -2.32 2.90 -52.75
C GLY A 118 -3.22 1.68 -52.76
N THR A 119 -2.63 0.51 -52.98
CA THR A 119 -3.42 -0.73 -53.10
C THR A 119 -3.79 -1.38 -51.75
N LEU A 120 -4.70 -2.35 -51.82
CA LEU A 120 -5.07 -3.16 -50.66
C LEU A 120 -3.86 -3.88 -50.08
N GLU A 121 -3.06 -4.49 -50.97
CA GLU A 121 -1.86 -5.21 -50.55
C GLU A 121 -0.85 -4.28 -49.87
N ASP A 122 -0.73 -3.05 -50.37
CA ASP A 122 0.13 -2.05 -49.78
C ASP A 122 -0.39 -1.66 -48.37
N ARG A 123 -1.70 -1.57 -48.24
CA ARG A 123 -2.28 -1.22 -46.96
C ARG A 123 -2.00 -2.32 -45.93
N ALA A 124 -2.27 -3.56 -46.32
CA ALA A 124 -2.04 -4.72 -45.46
C ALA A 124 -0.57 -4.87 -45.06
N ALA A 125 0.35 -4.69 -46.01
CA ALA A 125 1.79 -4.71 -45.71
C ALA A 125 2.16 -3.65 -44.67
N THR A 126 1.52 -2.50 -44.79
CA THR A 126 1.74 -1.38 -43.89
C THR A 126 1.28 -1.75 -42.50
N LEU A 127 0.13 -2.41 -42.46
CA LEU A 127 -0.48 -2.82 -41.21
C LEU A 127 0.42 -3.83 -40.49
N SER A 128 1.01 -4.74 -41.26
CA SER A 128 1.93 -5.71 -40.70
C SER A 128 3.18 -5.02 -40.14
N LYS A 129 3.74 -4.12 -40.94
CA LYS A 129 4.93 -3.38 -40.52
C LYS A 129 4.67 -2.64 -39.20
N ILE A 130 3.48 -2.05 -39.08
CA ILE A 130 3.06 -1.36 -37.86
C ILE A 130 3.02 -2.31 -36.66
N ILE A 131 2.42 -3.49 -36.82
CA ILE A 131 2.44 -4.49 -35.76
C ILE A 131 3.85 -4.97 -35.39
N GLN A 132 4.74 -5.05 -36.36
CA GLN A 132 6.10 -5.48 -36.08
C GLN A 132 6.80 -4.40 -35.27
N VAL A 133 6.55 -3.15 -35.64
CA VAL A 133 7.10 -2.05 -34.89
C VAL A 133 6.57 -2.08 -33.44
N ALA A 134 5.30 -2.41 -33.28
CA ALA A 134 4.69 -2.43 -31.96
C ALA A 134 5.32 -3.54 -31.12
N VAL A 135 5.55 -4.68 -31.75
CA VAL A 135 6.23 -5.79 -31.11
C VAL A 135 7.64 -5.37 -30.65
N GLU A 136 8.36 -4.61 -31.49
CA GLU A 136 9.70 -4.15 -31.12
C GLU A 136 9.64 -3.19 -29.92
N LEU A 137 8.71 -2.25 -29.97
CA LEU A 137 8.50 -1.33 -28.87
C LEU A 137 8.25 -2.07 -27.56
N LYS A 138 7.38 -3.08 -27.60
CA LYS A 138 7.05 -3.85 -26.40
C LYS A 138 8.21 -4.73 -25.90
N ASP A 139 8.63 -5.70 -26.71
CA ASP A 139 9.59 -6.72 -26.28
C ASP A 139 11.08 -6.33 -26.37
N SER A 140 11.41 -5.26 -27.10
CA SER A 140 12.82 -4.93 -27.24
C SER A 140 13.22 -3.60 -26.60
N MET A 141 12.39 -2.58 -26.84
CA MET A 141 12.59 -1.25 -26.29
C MET A 141 11.96 -1.11 -24.90
N GLY A 142 10.94 -1.92 -24.60
CA GLY A 142 10.16 -1.72 -23.39
C GLY A 142 9.62 -0.30 -23.33
N ASP A 143 9.19 0.23 -24.47
CA ASP A 143 8.51 1.53 -24.54
C ASP A 143 7.02 1.28 -24.53
N LEU A 144 6.43 1.17 -23.34
CA LEU A 144 4.98 0.93 -23.24
C LEU A 144 4.18 2.15 -23.76
N TYR A 145 4.74 3.34 -23.60
CA TYR A 145 4.07 4.56 -24.06
C TYR A 145 3.77 4.60 -25.58
N SER A 146 4.80 4.52 -26.42
CA SER A 146 4.54 4.53 -27.87
C SER A 146 3.96 3.20 -28.38
N PHE A 147 4.32 2.09 -27.74
CA PHE A 147 3.57 0.86 -27.98
C PHE A 147 2.06 1.12 -27.92
N SER A 148 1.60 1.81 -26.88
CA SER A 148 0.17 2.09 -26.74
C SER A 148 -0.39 3.03 -27.84
N ALA A 149 0.40 3.99 -28.29
CA ALA A 149 -0.06 4.90 -29.35
C ALA A 149 -0.33 4.14 -30.65
N LEU A 150 0.55 3.20 -30.99
CA LEU A 150 0.32 2.32 -32.15
C LEU A 150 -0.92 1.44 -31.96
N MET A 151 -1.06 0.85 -30.78
CA MET A 151 -2.24 0.03 -30.50
C MET A 151 -3.52 0.84 -30.60
N LYS A 152 -3.50 2.09 -30.14
CA LYS A 152 -4.66 2.95 -30.27
C LYS A 152 -5.04 3.23 -31.73
N ALA A 153 -4.04 3.49 -32.58
CA ALA A 153 -4.29 3.62 -34.00
C ALA A 153 -5.00 2.38 -34.58
N LEU A 154 -4.50 1.21 -34.22
CA LEU A 154 -5.01 -0.04 -34.79
C LEU A 154 -6.46 -0.32 -34.35
N GLU A 155 -6.87 0.24 -33.22
CA GLU A 155 -8.23 0.08 -32.71
C GLU A 155 -9.18 1.20 -33.11
N MET A 156 -8.68 2.25 -33.77
CA MET A 156 -9.58 3.30 -34.23
C MET A 156 -10.68 2.71 -35.11
N PRO A 157 -11.92 3.16 -34.90
CA PRO A 157 -13.07 2.71 -35.70
C PRO A 157 -12.84 2.83 -37.21
N GLN A 158 -12.04 3.81 -37.65
CA GLN A 158 -11.76 4.00 -39.07
C GLN A 158 -10.73 2.99 -39.64
N ILE A 159 -10.03 2.28 -38.76
CA ILE A 159 -9.04 1.28 -39.18
C ILE A 159 -9.68 -0.09 -39.00
N THR A 160 -10.35 -0.22 -37.87
CA THR A 160 -11.04 -1.45 -37.49
C THR A 160 -12.03 -1.96 -38.56
N ARG A 161 -12.69 -1.03 -39.26
CA ARG A 161 -13.70 -1.42 -40.23
C ARG A 161 -13.14 -1.64 -41.62
N LEU A 162 -11.82 -1.65 -41.77
CA LEU A 162 -11.24 -1.96 -43.07
C LEU A 162 -11.20 -3.48 -43.24
N GLU A 163 -12.37 -4.06 -43.51
CA GLU A 163 -12.52 -5.50 -43.49
C GLU A 163 -11.63 -6.21 -44.50
N LYS A 164 -11.53 -5.66 -45.70
CA LYS A 164 -10.76 -6.31 -46.75
C LYS A 164 -9.29 -6.34 -46.38
N THR A 165 -8.87 -5.32 -45.64
CA THR A 165 -7.46 -5.15 -45.30
C THR A 165 -7.05 -6.08 -44.17
N TRP A 166 -7.95 -6.33 -43.23
CA TRP A 166 -7.62 -7.19 -42.11
C TRP A 166 -7.64 -8.62 -42.61
N THR A 167 -8.53 -8.87 -43.55
CA THR A 167 -8.59 -10.16 -44.19
C THR A 167 -7.28 -10.48 -44.95
N ALA A 168 -6.76 -9.52 -45.70
CA ALA A 168 -5.46 -9.70 -46.34
C ALA A 168 -4.35 -9.93 -45.30
N LEU A 169 -4.39 -9.19 -44.19
CA LEU A 169 -3.44 -9.46 -43.12
C LEU A 169 -3.56 -10.90 -42.60
N ARG A 170 -4.80 -11.37 -42.35
CA ARG A 170 -5.00 -12.75 -41.89
C ARG A 170 -4.47 -13.80 -42.86
N HIS A 171 -4.59 -13.52 -44.16
CA HIS A 171 -4.21 -14.50 -45.17
C HIS A 171 -2.73 -14.49 -45.57
N GLN A 172 -2.11 -13.30 -45.60
CA GLN A 172 -0.71 -13.19 -46.01
C GLN A 172 0.26 -13.08 -44.82
N TYR A 173 -0.10 -12.28 -43.83
CA TYR A 173 0.74 -12.08 -42.66
C TYR A 173 0.17 -12.75 -41.42
N THR A 174 -0.27 -13.99 -41.59
CA THR A 174 -0.96 -14.76 -40.56
C THR A 174 -0.34 -14.78 -39.15
N GLN A 175 0.96 -15.00 -39.06
CA GLN A 175 1.60 -15.11 -37.77
C GLN A 175 1.56 -13.76 -37.03
N THR A 176 1.94 -12.71 -37.74
CA THR A 176 1.78 -11.36 -37.25
C THR A 176 0.32 -11.06 -36.83
N ALA A 177 -0.64 -11.48 -37.65
CA ALA A 177 -2.05 -11.18 -37.35
C ALA A 177 -2.53 -11.88 -36.07
N ILE A 178 -2.07 -13.11 -35.86
CA ILE A 178 -2.42 -13.84 -34.65
C ILE A 178 -1.69 -13.31 -33.41
N LEU A 179 -0.42 -12.95 -33.60
CA LEU A 179 0.34 -12.29 -32.54
C LEU A 179 -0.38 -11.03 -32.04
N TYR A 180 -0.91 -10.22 -32.96
CA TYR A 180 -1.65 -9.02 -32.60
C TYR A 180 -2.93 -9.30 -31.80
N GLU A 181 -3.76 -10.21 -32.31
CA GLU A 181 -5.03 -10.53 -31.66
C GLU A 181 -4.85 -11.27 -30.34
N LYS A 182 -3.92 -12.21 -30.32
CA LYS A 182 -3.84 -13.16 -29.21
C LYS A 182 -2.89 -12.75 -28.12
N GLN A 183 -1.93 -11.89 -28.44
CA GLN A 183 -0.91 -11.52 -27.47
C GLN A 183 -0.92 -10.03 -27.14
N LEU A 184 -0.85 -9.22 -28.19
CA LEU A 184 -0.81 -7.77 -28.06
C LEU A 184 -2.09 -7.18 -27.50
N LYS A 185 -3.25 -7.59 -28.01
CA LYS A 185 -4.49 -7.04 -27.52
C LYS A 185 -4.68 -7.31 -26.02
N PRO A 186 -4.53 -8.57 -25.60
CA PRO A 186 -4.68 -8.93 -24.18
C PRO A 186 -3.67 -8.18 -23.29
N PHE A 187 -2.43 -8.09 -23.72
CA PHE A 187 -1.42 -7.33 -22.98
C PHE A 187 -1.79 -5.84 -22.85
N SER A 188 -2.25 -5.27 -23.97
CA SER A 188 -2.73 -3.90 -24.03
C SER A 188 -3.81 -3.67 -22.96
N LYS A 189 -4.65 -4.68 -22.75
CA LYS A 189 -5.78 -4.59 -21.85
C LYS A 189 -5.27 -4.58 -20.41
N LEU A 190 -4.35 -5.49 -20.13
CA LEU A 190 -3.68 -5.48 -18.85
C LEU A 190 -3.12 -4.10 -18.54
N LEU A 191 -2.39 -3.50 -19.49
CA LEU A 191 -1.80 -2.19 -19.23
C LEU A 191 -2.89 -1.20 -18.82
N HIS A 192 -4.01 -1.26 -19.53
CA HIS A 192 -5.10 -0.31 -19.32
C HIS A 192 -5.76 -0.49 -17.95
N GLU A 193 -5.76 -1.72 -17.43
CA GLU A 193 -6.30 -1.95 -16.10
C GLU A 193 -5.27 -1.62 -15.04
N GLY A 194 -4.13 -1.09 -15.46
CA GLY A 194 -3.11 -0.63 -14.53
C GLY A 194 -2.23 -1.70 -13.92
N ARG A 195 -2.01 -2.80 -14.66
CA ARG A 195 -1.21 -3.92 -14.18
C ARG A 195 0.20 -3.97 -14.78
N GLU A 196 0.72 -2.87 -15.28
CA GLU A 196 1.99 -2.93 -16.00
C GLU A 196 3.18 -3.40 -15.14
N SER A 197 3.11 -3.17 -13.83
CA SER A 197 4.28 -3.39 -12.97
C SER A 197 4.51 -4.87 -12.75
N THR A 198 3.46 -5.67 -12.93
CA THR A 198 3.57 -7.11 -12.72
C THR A 198 3.53 -7.95 -14.00
N CYS A 199 3.45 -7.32 -15.16
CA CYS A 199 3.51 -8.11 -16.39
C CYS A 199 4.52 -7.53 -17.37
N VAL A 200 5.80 -7.51 -17.00
CA VAL A 200 6.80 -6.81 -17.81
C VAL A 200 7.22 -7.69 -18.98
N PRO A 201 7.50 -7.07 -20.12
CA PRO A 201 7.93 -7.76 -21.34
C PRO A 201 9.35 -8.26 -21.14
N PRO A 202 9.85 -9.10 -22.06
CA PRO A 202 11.13 -9.78 -21.86
C PRO A 202 12.35 -8.85 -21.71
N ASN A 203 12.24 -7.60 -22.13
CA ASN A 203 13.36 -6.67 -21.98
C ASN A 203 13.15 -5.57 -20.92
N ASN A 204 12.20 -5.81 -20.03
CA ASN A 204 11.79 -4.85 -19.01
C ASN A 204 11.16 -3.58 -19.60
N VAL A 205 10.95 -2.57 -18.75
CA VAL A 205 10.29 -1.34 -19.14
C VAL A 205 11.27 -0.18 -19.18
N SER A 206 11.22 0.60 -20.25
CA SER A 206 12.07 1.80 -20.38
C SER A 206 11.24 3.06 -20.28
N VAL A 207 10.06 3.02 -20.89
CA VAL A 207 9.11 4.10 -20.73
C VAL A 207 7.78 3.50 -20.35
N PRO A 208 7.23 3.90 -19.19
CA PRO A 208 5.93 3.37 -18.78
C PRO A 208 4.80 3.81 -19.70
N LEU A 209 3.61 3.23 -19.51
CA LEU A 209 2.43 3.54 -20.30
C LEU A 209 2.06 5.04 -20.22
N LEU A 210 2.08 5.57 -19.00
CA LEU A 210 1.91 7.00 -18.73
C LEU A 210 0.51 7.56 -18.98
N MET A 211 -0.06 7.20 -20.12
CA MET A 211 -1.21 7.92 -20.65
C MET A 211 -2.46 7.95 -19.72
N PRO A 212 -2.89 6.79 -19.19
CA PRO A 212 -4.07 6.81 -18.31
C PRO A 212 -3.83 7.52 -16.97
N LEU A 213 -2.61 7.52 -16.45
CA LEU A 213 -2.26 8.26 -15.25
C LEU A 213 -2.24 9.78 -15.50
N VAL A 214 -1.56 10.18 -16.56
CA VAL A 214 -1.43 11.58 -16.93
C VAL A 214 -2.80 12.21 -17.22
N THR A 215 -3.75 11.37 -17.63
CA THR A 215 -5.07 11.81 -18.07
C THR A 215 -6.02 11.94 -16.88
N LEU A 216 -5.90 11.01 -15.95
CA LEU A 216 -6.62 11.07 -14.68
C LEU A 216 -6.27 12.35 -13.91
N MET A 217 -4.99 12.71 -13.93
CA MET A 217 -4.48 13.94 -13.33
C MET A 217 -4.92 15.21 -14.06
N GLU A 218 -5.11 15.11 -15.37
CA GLU A 218 -5.45 16.28 -16.17
C GLU A 218 -6.92 16.22 -16.61
N ARG A 219 -7.80 16.70 -15.74
CA ARG A 219 -9.24 16.60 -15.97
C ARG A 219 -9.68 17.40 -17.21
N GLN A 220 -8.82 18.30 -17.66
CA GLN A 220 -9.10 19.13 -18.83
C GLN A 220 -8.36 18.65 -20.08
N ALA A 221 -7.81 17.44 -20.01
CA ALA A 221 -7.08 16.87 -21.15
C ALA A 221 -7.99 16.51 -22.30
N VAL A 222 -7.56 16.88 -23.50
CA VAL A 222 -8.22 16.43 -24.71
C VAL A 222 -7.43 15.26 -25.28
N THR A 223 -8.13 14.22 -25.73
CA THR A 223 -7.48 13.14 -26.48
C THR A 223 -8.18 12.93 -27.81
N PHE A 224 -7.46 12.36 -28.78
CA PHE A 224 -8.07 12.11 -30.08
C PHE A 224 -9.13 11.01 -30.01
N GLU A 225 -10.32 11.30 -30.53
CA GLU A 225 -11.46 10.40 -30.41
C GLU A 225 -11.82 10.07 -28.96
N GLY A 226 -11.36 10.89 -28.04
CA GLY A 226 -11.72 10.78 -26.63
C GLY A 226 -11.48 9.44 -25.95
N THR A 227 -10.31 8.84 -26.16
CA THR A 227 -9.91 7.65 -25.42
C THR A 227 -9.34 8.04 -24.06
N ASP A 228 -9.21 7.05 -23.16
CA ASP A 228 -8.73 7.32 -21.80
C ASP A 228 -9.45 8.50 -21.16
N MET A 229 -10.75 8.60 -21.41
CA MET A 229 -11.56 9.67 -20.83
C MET A 229 -12.28 9.21 -19.56
N TRP A 230 -11.94 8.00 -19.11
CA TRP A 230 -12.41 7.50 -17.82
C TRP A 230 -13.94 7.61 -17.65
N GLU A 231 -14.69 7.08 -18.61
CA GLU A 231 -16.14 7.08 -18.53
C GLU A 231 -16.64 5.66 -18.30
N LYS A 232 -17.95 5.48 -18.38
CA LYS A 232 -18.57 4.17 -18.24
C LYS A 232 -17.77 3.23 -17.33
N ASN A 233 -17.40 2.07 -17.87
CA ASN A 233 -16.81 1.01 -17.06
C ASN A 233 -15.39 1.30 -16.55
N ASP A 234 -14.85 2.44 -16.94
CA ASP A 234 -13.53 2.83 -16.49
C ASP A 234 -13.58 3.51 -15.12
N GLN A 235 -14.70 4.16 -14.79
CA GLN A 235 -14.88 4.83 -13.51
C GLN A 235 -14.93 3.80 -12.37
N SER A 236 -13.77 3.21 -12.10
CA SER A 236 -13.60 2.18 -11.09
C SER A 236 -12.48 2.58 -10.16
N CYS A 237 -12.77 2.71 -8.87
CA CYS A 237 -11.72 3.03 -7.91
C CYS A 237 -10.60 2.03 -7.98
N GLU A 238 -10.94 0.76 -8.21
CA GLU A 238 -9.91 -0.25 -8.29
C GLU A 238 -8.88 0.08 -9.39
N ILE A 239 -9.35 0.31 -10.61
CA ILE A 239 -8.42 0.60 -11.70
C ILE A 239 -7.65 1.89 -11.43
N MET A 240 -8.32 2.91 -10.89
CA MET A 240 -7.64 4.19 -10.67
C MET A 240 -6.57 4.00 -9.60
N LEU A 241 -6.85 3.16 -8.62
CA LEU A 241 -5.88 2.85 -7.59
C LEU A 241 -4.64 2.17 -8.20
N ASN A 242 -4.84 1.21 -9.10
CA ASN A 242 -3.70 0.52 -9.70
C ASN A 242 -2.73 1.51 -10.36
N HIS A 243 -3.23 2.41 -11.20
CA HIS A 243 -2.36 3.39 -11.84
C HIS A 243 -1.70 4.30 -10.80
N LEU A 244 -2.45 4.78 -9.81
CA LEU A 244 -1.86 5.73 -8.85
C LEU A 244 -0.86 5.06 -7.92
N ALA A 245 -1.13 3.82 -7.51
CA ALA A 245 -0.14 3.07 -6.75
C ALA A 245 1.11 2.87 -7.62
N THR A 246 0.88 2.71 -8.91
CA THR A 246 1.97 2.43 -9.84
C THR A 246 2.77 3.70 -10.09
N ALA A 247 2.07 4.82 -10.23
CA ALA A 247 2.70 6.13 -10.38
C ALA A 247 3.70 6.38 -9.25
N ARG A 248 3.29 6.10 -8.02
CA ARG A 248 4.15 6.36 -6.86
C ARG A 248 5.40 5.50 -6.88
N PHE A 249 5.23 4.23 -7.23
CA PHE A 249 6.34 3.33 -7.48
C PHE A 249 7.26 3.86 -8.61
N MET A 250 6.67 4.35 -9.68
CA MET A 250 7.42 4.90 -10.81
C MET A 250 8.37 5.98 -10.32
N ALA A 251 7.86 6.88 -9.48
CA ALA A 251 8.63 8.06 -9.10
C ALA A 251 9.78 7.66 -8.20
N GLU A 252 9.52 6.79 -7.25
CA GLU A 252 10.59 6.31 -6.39
C GLU A 252 11.63 5.52 -7.17
N ALA A 253 11.20 4.81 -8.20
CA ALA A 253 12.11 3.98 -8.97
C ALA A 253 12.49 4.58 -10.32
N ALA A 254 12.24 5.88 -10.51
CA ALA A 254 12.52 6.56 -11.77
C ALA A 254 13.86 6.17 -12.40
N ASP A 255 14.87 5.97 -11.57
CA ASP A 255 16.20 5.70 -12.09
C ASP A 255 16.29 4.39 -12.86
N SER A 256 15.58 3.36 -12.39
CA SER A 256 15.62 2.05 -13.03
C SER A 256 15.22 2.13 -14.52
N TYR A 257 14.28 3.02 -14.84
CA TYR A 257 13.90 3.26 -16.23
C TYR A 257 15.08 3.78 -17.08
N ARG A 258 15.76 4.79 -16.57
CA ARG A 258 16.93 5.36 -17.22
C ARG A 258 17.92 4.25 -17.49
N MET A 259 18.05 3.39 -16.49
CA MET A 259 18.97 2.28 -16.46
C MET A 259 18.68 1.37 -17.66
N ASN A 260 17.40 1.06 -17.84
CA ASN A 260 16.96 0.17 -18.90
C ASN A 260 17.17 0.81 -20.26
N ALA A 261 16.82 2.09 -20.37
CA ALA A 261 16.90 2.78 -21.64
C ALA A 261 18.36 2.91 -22.08
N GLU A 262 19.25 3.17 -21.12
CA GLU A 262 20.69 3.25 -21.41
C GLU A 262 21.28 1.91 -21.87
N ARG A 263 20.82 0.81 -21.27
CA ARG A 263 21.28 -0.52 -21.63
C ARG A 263 20.86 -0.87 -23.05
N ILE A 264 19.58 -0.65 -23.32
CA ILE A 264 18.99 -0.96 -24.62
C ILE A 264 19.61 -0.13 -25.75
N LEU A 265 19.92 1.11 -25.44
CA LEU A 265 20.39 2.05 -26.46
C LEU A 265 21.91 2.23 -26.48
N ALA A 266 22.63 1.45 -25.69
CA ALA A 266 24.08 1.55 -25.70
C ALA A 266 24.58 1.39 -27.14
N GLY A 267 25.40 2.33 -27.60
CA GLY A 267 25.96 2.26 -28.94
C GLY A 267 25.03 2.74 -30.04
N PHE A 268 23.80 3.12 -29.69
CA PHE A 268 22.83 3.55 -30.70
C PHE A 268 23.31 4.80 -31.40
N GLN A 269 23.24 4.81 -32.72
CA GLN A 269 23.58 6.00 -33.49
C GLN A 269 22.41 6.39 -34.41
N PRO A 270 21.72 7.48 -34.05
CA PRO A 270 20.52 7.98 -34.73
C PRO A 270 20.78 8.40 -36.17
N ASP A 271 19.78 8.18 -37.00
CA ASP A 271 19.79 8.67 -38.37
C ASP A 271 19.07 9.99 -38.36
N GLU A 272 19.71 11.02 -38.91
CA GLU A 272 19.22 12.39 -38.80
C GLU A 272 17.75 12.57 -39.19
N GLU A 273 17.43 12.22 -40.42
CA GLU A 273 16.08 12.39 -40.91
C GLU A 273 15.09 11.60 -40.07
N MET A 274 15.44 10.36 -39.77
CA MET A 274 14.60 9.48 -38.98
C MET A 274 14.30 10.13 -37.63
N ASN A 275 15.36 10.70 -37.05
CA ASN A 275 15.25 11.40 -35.79
C ASN A 275 14.27 12.56 -35.92
N GLU A 276 14.39 13.32 -37.00
CA GLU A 276 13.53 14.49 -37.19
C GLU A 276 12.07 14.09 -37.25
N ILE A 277 11.76 13.03 -37.99
CA ILE A 277 10.36 12.68 -38.18
C ILE A 277 9.72 12.11 -36.92
N CYS A 278 10.56 11.75 -35.95
CA CYS A 278 10.07 11.28 -34.65
C CYS A 278 9.70 12.44 -33.73
N LYS A 279 10.08 13.65 -34.12
CA LYS A 279 9.77 14.83 -33.33
C LYS A 279 8.29 15.17 -33.46
N THR A 280 7.63 15.39 -32.32
CA THR A 280 6.21 15.72 -32.32
C THR A 280 5.97 17.01 -33.11
N GLU A 281 6.82 18.00 -32.89
CA GLU A 281 6.71 19.27 -33.60
CA GLU A 281 6.76 19.27 -33.60
C GLU A 281 6.65 19.02 -35.11
N PHE A 282 7.61 18.27 -35.63
CA PHE A 282 7.65 17.94 -37.05
C PHE A 282 6.37 17.26 -37.49
N GLN A 283 5.96 16.22 -36.77
CA GLN A 283 4.71 15.52 -37.02
C GLN A 283 3.51 16.49 -37.05
N MET A 284 3.46 17.42 -36.11
CA MET A 284 2.36 18.37 -36.07
C MET A 284 2.30 19.22 -37.34
N ARG A 285 3.47 19.64 -37.82
CA ARG A 285 3.56 20.41 -39.05
C ARG A 285 3.05 19.62 -40.25
N LEU A 286 3.45 18.35 -40.31
CA LEU A 286 3.00 17.44 -41.36
C LEU A 286 1.49 17.38 -41.40
N LEU A 287 0.89 17.15 -40.24
CA LEU A 287 -0.54 16.91 -40.15
C LEU A 287 -1.44 18.15 -40.38
N TRP A 288 -1.14 19.26 -39.69
CA TRP A 288 -2.01 20.44 -39.72
C TRP A 288 -1.42 21.64 -40.47
N GLY A 289 -0.19 21.50 -40.93
CA GLY A 289 0.48 22.55 -41.68
C GLY A 289 1.15 23.58 -40.79
N SER A 290 1.76 24.58 -41.43
CA SER A 290 2.52 25.60 -40.71
C SER A 290 1.62 26.66 -40.08
N LYS A 291 0.35 26.67 -40.42
CA LYS A 291 -0.59 27.62 -39.82
C LYS A 291 -1.54 26.94 -38.85
N GLY A 292 -2.15 25.84 -39.30
CA GLY A 292 -3.14 25.13 -38.52
C GLY A 292 -2.57 24.35 -37.35
N ALA A 293 -1.26 24.12 -37.37
CA ALA A 293 -0.59 23.33 -36.34
C ALA A 293 -0.77 23.92 -34.95
N GLN A 294 -1.17 25.19 -34.89
CA GLN A 294 -1.34 25.84 -33.59
C GLN A 294 -2.80 26.22 -33.26
N VAL A 295 -3.74 25.62 -33.98
CA VAL A 295 -5.17 25.68 -33.62
C VAL A 295 -5.41 24.85 -32.35
N ASN A 296 -6.54 25.05 -31.68
CA ASN A 296 -6.80 24.31 -30.45
C ASN A 296 -6.92 22.80 -30.65
N GLN A 297 -6.49 22.05 -29.63
CA GLN A 297 -6.53 20.60 -29.67
C GLN A 297 -7.84 20.05 -30.17
N THR A 298 -8.94 20.46 -29.53
CA THR A 298 -10.26 19.94 -29.86
C THR A 298 -10.56 20.06 -31.35
N GLU A 299 -10.26 21.25 -31.88
CA GLU A 299 -10.55 21.53 -33.28
C GLU A 299 -9.61 20.71 -34.18
N ARG A 300 -8.35 20.63 -33.80
CA ARG A 300 -7.39 19.87 -34.58
C ARG A 300 -7.74 18.38 -34.60
N TYR A 301 -8.18 17.86 -33.47
CA TYR A 301 -8.51 16.44 -33.39
C TYR A 301 -9.81 16.13 -34.12
N GLU A 302 -10.83 16.97 -33.92
CA GLU A 302 -12.08 16.81 -34.63
C GLU A 302 -11.86 16.84 -36.14
N LYS A 303 -10.92 17.66 -36.59
CA LYS A 303 -10.61 17.74 -38.00
C LYS A 303 -10.21 16.36 -38.54
N PHE A 304 -9.26 15.70 -37.89
CA PHE A 304 -8.80 14.41 -38.40
C PHE A 304 -9.80 13.29 -38.21
N ASN A 305 -10.63 13.39 -37.19
CA ASN A 305 -11.72 12.43 -37.08
C ASN A 305 -12.56 12.45 -38.35
N GLN A 306 -12.85 13.64 -38.87
CA GLN A 306 -13.57 13.79 -40.14
C GLN A 306 -12.76 13.29 -41.36
N ILE A 307 -11.49 13.70 -41.43
CA ILE A 307 -10.61 13.29 -42.52
C ILE A 307 -10.38 11.79 -42.58
N LEU A 308 -10.19 11.16 -41.42
CA LEU A 308 -9.95 9.72 -41.37
C LEU A 308 -11.22 8.92 -41.71
N THR A 309 -12.37 9.42 -41.30
CA THR A 309 -13.63 8.74 -41.61
C THR A 309 -13.88 8.80 -43.11
N ALA A 310 -13.40 9.86 -43.75
CA ALA A 310 -13.62 10.06 -45.17
C ALA A 310 -12.66 9.22 -46.02
N LEU A 311 -11.40 9.15 -45.58
CA LEU A 311 -10.43 8.32 -46.28
C LEU A 311 -10.79 6.86 -46.11
N SER A 312 -11.29 6.50 -44.95
CA SER A 312 -11.68 5.12 -44.70
C SER A 312 -12.86 4.72 -45.60
N ARG A 313 -13.77 5.67 -45.82
CA ARG A 313 -14.96 5.48 -46.64
C ARG A 313 -14.59 5.41 -48.12
N LYS A 314 -13.73 6.33 -48.55
CA LYS A 314 -13.19 6.32 -49.90
C LYS A 314 -12.50 4.98 -50.19
N LEU A 315 -11.70 4.50 -49.24
CA LEU A 315 -10.94 3.25 -49.41
C LEU A 315 -11.77 1.97 -49.37
N GLU A 316 -12.67 1.84 -48.40
CA GLU A 316 -13.55 0.66 -48.34
C GLU A 316 -14.98 1.05 -48.00
N PRO A 317 -15.77 1.45 -49.03
CA PRO A 317 -17.17 1.87 -48.82
C PRO A 317 -18.02 0.69 -48.35
N PRO A 318 -19.17 0.98 -47.72
CA PRO A 318 -20.08 -0.10 -47.31
C PRO A 318 -21.09 -0.44 -48.40
N THR B 11 -25.28 10.97 -17.44
CA THR B 11 -26.65 11.41 -17.22
C THR B 11 -26.68 12.73 -16.42
N VAL B 12 -27.73 12.98 -15.63
CA VAL B 12 -27.76 14.16 -14.76
C VAL B 12 -28.00 13.73 -13.31
N SER B 13 -28.16 14.69 -12.39
CA SER B 13 -28.58 14.35 -11.03
C SER B 13 -29.93 13.65 -11.12
N SER B 14 -30.31 12.96 -10.04
CA SER B 14 -31.63 12.33 -9.99
C SER B 14 -32.66 13.26 -9.35
N PHE B 15 -32.20 14.42 -8.89
CA PHE B 15 -33.07 15.38 -8.24
C PHE B 15 -34.04 16.01 -9.23
N ARG B 16 -35.29 16.19 -8.80
CA ARG B 16 -36.30 16.77 -9.68
C ARG B 16 -37.01 17.92 -8.98
N PRO B 17 -36.28 19.04 -8.81
CA PRO B 17 -36.74 20.19 -8.04
C PRO B 17 -37.99 20.85 -8.63
N ASN B 18 -38.20 20.69 -9.94
CA ASN B 18 -39.38 21.25 -10.59
C ASN B 18 -40.64 20.45 -10.30
N GLU B 19 -40.48 19.14 -10.12
CA GLU B 19 -41.59 18.25 -9.83
C GLU B 19 -41.76 18.08 -8.32
N PHE B 20 -40.83 18.65 -7.56
CA PHE B 20 -40.82 18.54 -6.10
C PHE B 20 -41.94 19.36 -5.45
N GLU B 21 -42.69 18.71 -4.58
CA GLU B 21 -43.72 19.40 -3.81
C GLU B 21 -43.43 19.22 -2.32
N SER B 22 -43.86 20.17 -1.52
CA SER B 22 -43.65 20.13 -0.09
C SER B 22 -44.73 20.92 0.62
N LYS B 23 -45.18 20.41 1.75
CA LYS B 23 -46.23 21.08 2.51
C LYS B 23 -45.78 22.47 2.97
N PHE B 24 -44.47 22.69 3.01
CA PHE B 24 -43.92 23.99 3.36
C PHE B 24 -43.42 24.75 2.14
N LEU B 25 -44.07 24.56 1.00
CA LEU B 25 -43.63 25.17 -0.26
C LEU B 25 -44.82 25.49 -1.16
N PRO B 26 -44.87 26.73 -1.69
CA PRO B 26 -45.97 27.11 -2.58
C PRO B 26 -45.85 26.43 -3.94
N PRO B 27 -47.00 26.08 -4.54
CA PRO B 27 -47.07 25.46 -5.87
C PRO B 27 -45.90 25.87 -6.77
N GLU B 28 -45.62 27.18 -6.85
CA GLU B 28 -44.53 27.68 -7.68
C GLU B 28 -43.97 28.99 -7.14
N ASN B 29 -42.65 29.04 -6.95
CA ASN B 29 -42.02 30.19 -6.36
C ASN B 29 -40.93 30.76 -7.24
N LYS B 30 -40.58 32.02 -7.02
CA LYS B 30 -39.50 32.66 -7.75
C LYS B 30 -38.19 32.35 -7.03
N PRO B 31 -37.06 32.69 -7.66
CA PRO B 31 -35.79 32.45 -6.97
C PRO B 31 -35.65 33.38 -5.79
N LEU B 32 -35.16 32.87 -4.67
CA LEU B 32 -34.81 33.70 -3.53
C LEU B 32 -35.98 34.53 -3.01
N GLU B 33 -37.18 33.97 -3.05
CA GLU B 33 -38.36 34.69 -2.55
C GLU B 33 -38.10 35.12 -1.10
N THR B 34 -38.27 36.41 -0.85
CA THR B 34 -37.81 36.99 0.42
C THR B 34 -38.44 36.38 1.66
N ALA B 35 -39.72 36.02 1.58
CA ALA B 35 -40.41 35.43 2.71
C ALA B 35 -40.00 33.97 2.93
N LEU B 36 -39.72 33.27 1.84
CA LEU B 36 -39.21 31.91 1.91
C LEU B 36 -37.85 31.89 2.59
N LEU B 37 -36.91 32.67 2.06
CA LEU B 37 -35.59 32.78 2.66
C LEU B 37 -35.71 33.17 4.12
N LYS B 38 -36.63 34.09 4.42
CA LYS B 38 -36.80 34.55 5.79
C LYS B 38 -37.24 33.41 6.69
N ARG B 39 -38.25 32.67 6.24
CA ARG B 39 -38.77 31.55 6.99
C ARG B 39 -37.70 30.48 7.31
N ALA B 40 -36.92 30.11 6.30
CA ALA B 40 -35.85 29.13 6.50
C ALA B 40 -34.81 29.62 7.51
N LYS B 41 -34.42 30.88 7.36
CA LYS B 41 -33.50 31.55 8.28
C LYS B 41 -33.99 31.43 9.72
N GLU B 42 -35.28 31.66 9.92
CA GLU B 42 -35.89 31.54 11.24
C GLU B 42 -35.67 30.13 11.80
N LEU B 43 -35.77 29.10 10.93
CA LEU B 43 -35.58 27.72 11.36
C LEU B 43 -34.17 27.49 11.89
N PHE B 44 -33.19 27.93 11.12
CA PHE B 44 -31.81 27.77 11.55
CA PHE B 44 -31.77 27.88 11.48
C PHE B 44 -31.54 28.62 12.79
N THR B 45 -32.21 29.75 12.93
CA THR B 45 -32.07 30.60 14.10
C THR B 45 -32.69 29.97 15.35
N ASN B 46 -33.87 29.38 15.21
CA ASN B 46 -34.62 28.90 16.37
C ASN B 46 -34.19 27.55 16.92
N ASN B 47 -33.23 26.91 16.27
CA ASN B 47 -32.85 25.56 16.66
C ASN B 47 -31.41 25.45 17.10
N ASP B 48 -31.16 24.52 18.03
CA ASP B 48 -29.83 24.21 18.54
C ASP B 48 -28.88 23.62 17.48
N PRO B 49 -27.60 24.03 17.49
CA PRO B 49 -26.67 23.56 16.45
C PRO B 49 -26.62 22.04 16.37
N LYS B 50 -26.65 21.37 17.51
CA LYS B 50 -26.67 19.90 17.56
C LYS B 50 -27.95 19.29 16.92
N VAL B 51 -29.10 19.92 17.11
CA VAL B 51 -30.33 19.43 16.50
C VAL B 51 -30.29 19.65 14.97
N ILE B 52 -29.81 20.82 14.54
CA ILE B 52 -29.60 21.10 13.12
C ILE B 52 -28.69 20.03 12.49
N ALA B 53 -27.62 19.67 13.18
CA ALA B 53 -26.62 18.75 12.63
C ALA B 53 -27.13 17.30 12.53
N GLN B 54 -27.94 16.89 13.50
CA GLN B 54 -28.53 15.55 13.44
C GLN B 54 -29.45 15.43 12.21
N HIS B 55 -30.19 16.49 11.91
CA HIS B 55 -31.01 16.50 10.71
C HIS B 55 -30.15 16.40 9.46
N VAL B 56 -29.06 17.17 9.42
CA VAL B 56 -28.16 17.09 8.29
C VAL B 56 -27.60 15.68 8.16
N LEU B 57 -27.23 15.06 9.30
CA LEU B 57 -26.65 13.72 9.29
C LEU B 57 -27.66 12.70 8.77
N SER B 58 -28.88 12.84 9.26
CA SER B 58 -29.97 11.96 8.90
C SER B 58 -30.24 12.01 7.40
N MET B 59 -30.29 13.22 6.84
CA MET B 59 -30.53 13.41 5.42
C MET B 59 -29.35 12.91 4.59
N ASP B 60 -28.14 13.17 5.09
CA ASP B 60 -26.93 12.77 4.38
C ASP B 60 -26.85 11.27 4.28
N CYS B 61 -27.32 10.58 5.32
CA CYS B 61 -27.28 9.13 5.36
C CYS B 61 -28.28 8.50 4.41
N ARG B 62 -29.41 9.15 4.20
CA ARG B 62 -30.39 8.66 3.26
C ARG B 62 -29.92 8.86 1.82
N VAL B 63 -29.49 10.08 1.51
CA VAL B 63 -28.99 10.40 0.16
C VAL B 63 -27.77 9.57 -0.27
N ALA B 64 -26.80 9.38 0.62
CA ALA B 64 -25.64 8.57 0.31
C ALA B 64 -25.96 7.07 0.39
N ARG B 65 -27.19 6.76 0.76
CA ARG B 65 -27.66 5.38 0.84
C ARG B 65 -26.90 4.54 1.88
N ILE B 66 -26.65 5.17 3.03
CA ILE B 66 -26.03 4.53 4.18
C ILE B 66 -27.12 3.96 5.09
N LEU B 67 -28.24 4.68 5.19
CA LEU B 67 -29.39 4.25 6.00
C LEU B 67 -30.67 4.34 5.19
N GLY B 68 -31.65 3.51 5.55
CA GLY B 68 -32.95 3.56 4.89
C GLY B 68 -32.98 2.86 3.55
N VAL B 69 -32.06 1.92 3.33
CA VAL B 69 -32.02 1.21 2.07
C VAL B 69 -33.08 0.11 2.00
N SER B 70 -34.02 0.27 1.07
CA SER B 70 -35.05 -0.74 0.86
C SER B 70 -34.44 -2.04 0.33
N GLU B 71 -35.21 -3.12 0.40
CA GLU B 71 -34.71 -4.38 -0.14
C GLU B 71 -34.60 -4.28 -1.66
N GLU B 72 -35.53 -3.57 -2.28
CA GLU B 72 -35.46 -3.35 -3.73
C GLU B 72 -34.22 -2.52 -4.07
N MET B 73 -34.04 -1.41 -3.37
CA MET B 73 -32.86 -0.58 -3.58
C MET B 73 -31.56 -1.37 -3.46
N ARG B 74 -31.46 -2.26 -2.48
CA ARG B 74 -30.26 -3.08 -2.32
C ARG B 74 -30.10 -4.02 -3.52
N ARG B 75 -31.23 -4.42 -4.10
CA ARG B 75 -31.21 -5.23 -5.32
C ARG B 75 -30.77 -4.40 -6.52
N ASN B 76 -31.36 -3.23 -6.70
CA ASN B 76 -30.97 -2.36 -7.79
C ASN B 76 -29.47 -2.03 -7.77
N MET B 77 -28.92 -1.79 -6.57
CA MET B 77 -27.54 -1.37 -6.42
C MET B 77 -26.52 -2.48 -6.67
N GLY B 78 -26.85 -3.69 -6.25
CA GLY B 78 -25.92 -4.78 -6.35
C GLY B 78 -24.99 -4.82 -5.16
N VAL B 79 -25.15 -3.86 -4.26
CA VAL B 79 -24.39 -3.80 -3.01
C VAL B 79 -25.26 -3.23 -1.89
N SER B 80 -24.86 -3.46 -0.64
CA SER B 80 -25.67 -3.00 0.50
C SER B 80 -25.56 -1.50 0.74
N SER B 81 -24.39 -0.94 0.46
CA SER B 81 -24.15 0.43 0.84
C SER B 81 -23.92 1.37 -0.34
N GLY B 82 -24.47 2.57 -0.25
CA GLY B 82 -24.16 3.62 -1.20
C GLY B 82 -22.66 3.89 -1.20
N LEU B 83 -22.00 3.67 -0.06
CA LEU B 83 -20.58 3.99 0.07
C LEU B 83 -19.75 3.02 -0.75
N GLU B 84 -20.25 1.80 -0.92
CA GLU B 84 -19.61 0.85 -1.82
C GLU B 84 -19.96 1.16 -3.28
N LEU B 85 -21.21 1.52 -3.52
CA LEU B 85 -21.70 1.81 -4.86
C LEU B 85 -20.89 2.89 -5.58
N ILE B 86 -20.58 3.98 -4.89
CA ILE B 86 -19.90 5.09 -5.56
C ILE B 86 -18.45 4.81 -5.99
N THR B 87 -17.86 3.72 -5.51
CA THR B 87 -16.53 3.33 -6.00
C THR B 87 -16.65 2.49 -7.27
N LEU B 88 -17.89 2.15 -7.63
CA LEU B 88 -18.14 1.32 -8.80
C LEU B 88 -18.61 2.16 -9.98
N PRO B 89 -18.44 1.62 -11.19
CA PRO B 89 -18.89 2.31 -12.40
C PRO B 89 -20.36 2.72 -12.36
N HIS B 90 -21.25 1.86 -11.90
CA HIS B 90 -22.67 2.22 -11.85
C HIS B 90 -23.09 3.13 -10.68
N GLY B 91 -22.11 3.55 -9.87
CA GLY B 91 -22.34 4.60 -8.89
C GLY B 91 -22.33 5.99 -9.51
N HIS B 92 -22.27 6.04 -10.85
CA HIS B 92 -22.15 7.30 -11.58
C HIS B 92 -23.22 8.33 -11.17
N GLN B 93 -24.48 7.88 -11.16
CA GLN B 93 -25.62 8.74 -10.80
C GLN B 93 -25.55 9.22 -9.34
N LEU B 94 -25.25 8.31 -8.41
CA LEU B 94 -25.10 8.66 -7.01
C LEU B 94 -24.00 9.71 -6.85
N ARG B 95 -22.87 9.51 -7.53
CA ARG B 95 -21.78 10.48 -7.52
C ARG B 95 -22.27 11.89 -7.91
N LEU B 96 -23.01 11.99 -9.00
CA LEU B 96 -23.53 13.28 -9.42
C LEU B 96 -24.44 13.87 -8.35
N ASP B 97 -25.28 13.04 -7.73
CA ASP B 97 -26.22 13.51 -6.73
C ASP B 97 -25.42 14.09 -5.59
N ILE B 98 -24.42 13.34 -5.16
CA ILE B 98 -23.55 13.78 -4.09
C ILE B 98 -22.86 15.11 -4.42
N ILE B 99 -22.54 15.33 -5.68
CA ILE B 99 -21.86 16.55 -6.05
C ILE B 99 -22.84 17.73 -6.04
N GLU B 100 -24.03 17.51 -6.59
CA GLU B 100 -25.02 18.57 -6.63
C GLU B 100 -25.33 19.06 -5.22
N ARG B 101 -25.54 18.12 -4.31
CA ARG B 101 -25.98 18.39 -2.95
C ARG B 101 -24.93 19.17 -2.17
N HIS B 102 -23.68 18.79 -2.35
CA HIS B 102 -22.57 19.51 -1.73
C HIS B 102 -22.51 20.95 -2.25
N ASN B 103 -22.53 21.11 -3.58
CA ASN B 103 -22.54 22.44 -4.19
C ASN B 103 -23.68 23.28 -3.62
N THR B 104 -24.90 22.77 -3.75
CA THR B 104 -26.10 23.50 -3.36
C THR B 104 -26.08 23.88 -1.88
N MET B 105 -25.64 22.96 -1.04
CA MET B 105 -25.47 23.27 0.37
C MET B 105 -24.48 24.42 0.61
N ALA B 106 -23.29 24.35 0.03
CA ALA B 106 -22.30 25.39 0.26
C ALA B 106 -22.78 26.76 -0.24
N ILE B 107 -23.46 26.76 -1.38
CA ILE B 107 -24.07 27.99 -1.88
C ILE B 107 -25.11 28.56 -0.88
N GLY B 108 -25.95 27.68 -0.33
CA GLY B 108 -27.00 28.09 0.60
C GLY B 108 -26.43 28.69 1.88
N ILE B 109 -25.42 28.03 2.45
CA ILE B 109 -24.68 28.60 3.57
C ILE B 109 -24.17 30.00 3.18
N ALA B 110 -23.50 30.12 2.04
CA ALA B 110 -23.01 31.44 1.61
C ALA B 110 -24.12 32.50 1.56
N VAL B 111 -25.26 32.11 0.98
CA VAL B 111 -26.40 33.01 0.85
C VAL B 111 -26.97 33.38 2.22
N ASP B 112 -26.86 32.46 3.16
CA ASP B 112 -27.39 32.69 4.50
C ASP B 112 -26.64 33.84 5.16
N ILE B 113 -25.40 34.02 4.74
CA ILE B 113 -24.53 35.03 5.34
C ILE B 113 -24.57 36.39 4.66
N LEU B 114 -24.53 36.40 3.33
CA LEU B 114 -24.48 37.65 2.58
C LEU B 114 -25.87 38.14 2.17
N GLY B 115 -26.86 37.26 2.25
CA GLY B 115 -28.21 37.61 1.83
C GLY B 115 -29.12 37.89 3.01
N CYS B 116 -29.45 36.84 3.75
CA CYS B 116 -30.47 36.92 4.80
C CYS B 116 -29.94 37.45 6.15
N THR B 117 -29.19 38.55 6.11
CA THR B 117 -28.76 39.23 7.33
C THR B 117 -29.27 40.67 7.34
N GLY B 118 -29.05 41.35 8.47
CA GLY B 118 -29.41 42.75 8.60
C GLY B 118 -28.21 43.64 8.88
N THR B 119 -27.64 43.50 10.08
CA THR B 119 -26.50 44.32 10.51
C THR B 119 -25.19 43.53 10.54
N LEU B 120 -24.07 44.24 10.72
CA LEU B 120 -22.78 43.59 10.93
C LEU B 120 -22.88 42.60 12.07
N GLU B 121 -23.70 42.95 13.06
CA GLU B 121 -23.82 42.18 14.28
C GLU B 121 -24.57 40.86 14.05
N ASP B 122 -25.53 40.86 13.13
CA ASP B 122 -26.28 39.64 12.78
C ASP B 122 -25.45 38.72 11.89
N ARG B 123 -24.64 39.35 11.06
CA ARG B 123 -23.81 38.61 10.14
C ARG B 123 -22.83 37.78 10.97
N ALA B 124 -22.26 38.42 11.99
CA ALA B 124 -21.32 37.77 12.89
C ALA B 124 -22.01 36.65 13.65
N ALA B 125 -23.22 36.93 14.14
CA ALA B 125 -23.99 35.92 14.88
C ALA B 125 -24.30 34.68 14.03
N THR B 126 -24.63 34.91 12.76
CA THR B 126 -24.85 33.86 11.78
C THR B 126 -23.59 33.06 11.55
N LEU B 127 -22.51 33.77 11.23
CA LEU B 127 -21.20 33.16 11.07
C LEU B 127 -20.84 32.27 12.28
N SER B 128 -21.13 32.75 13.48
CA SER B 128 -20.87 31.99 14.68
C SER B 128 -21.72 30.72 14.72
N LYS B 129 -23.00 30.82 14.34
CA LYS B 129 -23.84 29.64 14.39
C LYS B 129 -23.41 28.61 13.36
N ILE B 130 -23.05 29.07 12.18
CA ILE B 130 -22.51 28.21 11.15
C ILE B 130 -21.32 27.40 11.69
N ILE B 131 -20.34 28.07 12.31
CA ILE B 131 -19.17 27.39 12.87
C ILE B 131 -19.57 26.34 13.93
N GLN B 132 -20.54 26.67 14.77
CA GLN B 132 -20.99 25.76 15.82
C GLN B 132 -21.58 24.49 15.23
N VAL B 133 -22.33 24.65 14.16
CA VAL B 133 -22.91 23.51 13.46
C VAL B 133 -21.81 22.63 12.86
N ALA B 134 -20.85 23.25 12.19
CA ALA B 134 -19.70 22.53 11.69
C ALA B 134 -19.01 21.72 12.80
N VAL B 135 -18.74 22.36 13.93
CA VAL B 135 -18.17 21.65 15.08
C VAL B 135 -19.03 20.43 15.45
N GLU B 136 -20.35 20.59 15.37
CA GLU B 136 -21.24 19.49 15.72
C GLU B 136 -21.19 18.40 14.65
N LEU B 137 -21.14 18.81 13.39
CA LEU B 137 -21.05 17.88 12.27
C LEU B 137 -19.79 17.05 12.38
N LYS B 138 -18.69 17.71 12.77
CA LYS B 138 -17.41 17.02 12.92
C LYS B 138 -17.40 16.12 14.15
N ASP B 139 -17.54 16.73 15.33
CA ASP B 139 -17.26 16.04 16.58
C ASP B 139 -18.39 15.18 17.11
N SER B 140 -19.61 15.40 16.65
CA SER B 140 -20.75 14.68 17.23
C SER B 140 -21.42 13.74 16.24
N MET B 141 -21.61 14.24 15.02
CA MET B 141 -22.24 13.46 13.97
C MET B 141 -21.21 12.61 13.20
N GLY B 142 -19.95 13.07 13.16
CA GLY B 142 -18.97 12.44 12.30
C GLY B 142 -19.44 12.43 10.84
N ASP B 143 -19.99 13.57 10.42
CA ASP B 143 -20.45 13.78 9.03
C ASP B 143 -19.42 14.65 8.31
N LEU B 144 -18.40 14.04 7.72
CA LEU B 144 -17.31 14.82 7.15
C LEU B 144 -17.80 15.48 5.87
N TYR B 145 -18.72 14.82 5.19
CA TYR B 145 -19.34 15.37 3.99
C TYR B 145 -19.94 16.77 4.21
N SER B 146 -20.97 16.90 5.05
CA SER B 146 -21.55 18.23 5.25
C SER B 146 -20.66 19.18 6.03
N PHE B 147 -19.76 18.66 6.83
CA PHE B 147 -18.81 19.52 7.51
C PHE B 147 -17.98 20.24 6.47
N SER B 148 -17.55 19.53 5.43
CA SER B 148 -16.75 20.16 4.39
C SER B 148 -17.58 21.18 3.56
N ALA B 149 -18.88 20.97 3.42
CA ALA B 149 -19.70 21.91 2.66
C ALA B 149 -19.73 23.26 3.37
N LEU B 150 -19.99 23.26 4.67
CA LEU B 150 -19.96 24.50 5.45
C LEU B 150 -18.59 25.17 5.39
N MET B 151 -17.52 24.41 5.62
CA MET B 151 -16.16 24.94 5.51
C MET B 151 -15.89 25.61 4.15
N LYS B 152 -16.38 24.99 3.08
CA LYS B 152 -16.20 25.55 1.75
C LYS B 152 -16.77 26.97 1.64
N ALA B 153 -18.05 27.10 1.94
CA ALA B 153 -18.69 28.41 2.09
C ALA B 153 -17.83 29.44 2.85
N LEU B 154 -17.36 29.10 4.04
CA LEU B 154 -16.58 30.02 4.87
C LEU B 154 -15.21 30.42 4.25
N GLU B 155 -14.77 29.66 3.24
CA GLU B 155 -13.49 29.92 2.56
C GLU B 155 -13.70 30.58 1.19
N MET B 156 -14.97 30.70 0.77
CA MET B 156 -15.28 31.45 -0.44
C MET B 156 -14.78 32.88 -0.28
N PRO B 157 -14.05 33.36 -1.29
CA PRO B 157 -13.54 34.74 -1.37
C PRO B 157 -14.59 35.81 -1.02
N GLN B 158 -15.85 35.60 -1.38
CA GLN B 158 -16.92 36.54 -1.04
C GLN B 158 -17.15 36.63 0.46
N ILE B 159 -16.77 35.58 1.18
CA ILE B 159 -16.97 35.52 2.60
C ILE B 159 -15.68 35.92 3.31
N THR B 160 -14.57 35.43 2.79
CA THR B 160 -13.28 35.59 3.43
C THR B 160 -12.87 37.07 3.49
N ARG B 161 -13.28 37.84 2.49
CA ARG B 161 -12.88 39.23 2.44
C ARG B 161 -13.74 40.15 3.32
N LEU B 162 -14.83 39.61 3.88
CA LEU B 162 -15.69 40.39 4.77
C LEU B 162 -14.95 40.68 6.07
N GLU B 163 -13.92 41.50 6.01
CA GLU B 163 -12.97 41.59 7.11
C GLU B 163 -13.53 42.18 8.41
N LYS B 164 -14.60 42.97 8.33
CA LYS B 164 -15.26 43.49 9.53
C LYS B 164 -16.05 42.39 10.21
N THR B 165 -16.74 41.59 9.39
CA THR B 165 -17.55 40.50 9.91
C THR B 165 -16.68 39.47 10.65
N TRP B 166 -15.49 39.22 10.11
CA TRP B 166 -14.55 38.33 10.78
C TRP B 166 -13.99 38.95 12.08
N THR B 167 -13.85 40.27 12.10
CA THR B 167 -13.32 40.96 13.27
C THR B 167 -14.37 40.98 14.35
N ALA B 168 -15.59 41.32 13.96
CA ALA B 168 -16.71 41.25 14.87
C ALA B 168 -16.83 39.83 15.46
N LEU B 169 -16.56 38.80 14.65
CA LEU B 169 -16.66 37.42 15.15
C LEU B 169 -15.62 37.18 16.25
N ARG B 170 -14.38 37.57 15.99
CA ARG B 170 -13.31 37.54 16.99
C ARG B 170 -13.70 38.27 18.28
N HIS B 171 -14.37 39.42 18.12
CA HIS B 171 -14.71 40.25 19.24
C HIS B 171 -15.84 39.70 20.10
N GLN B 172 -16.85 39.12 19.46
CA GLN B 172 -18.07 38.73 20.16
C GLN B 172 -18.18 37.21 20.37
N TYR B 173 -17.55 36.45 19.50
CA TYR B 173 -17.59 34.99 19.62
C TYR B 173 -16.17 34.43 19.61
N THR B 174 -15.36 34.92 20.53
CA THR B 174 -13.92 34.68 20.54
C THR B 174 -13.53 33.20 20.56
N GLN B 175 -14.17 32.45 21.43
CA GLN B 175 -13.84 31.04 21.58
CA GLN B 175 -13.93 31.02 21.61
C GLN B 175 -14.14 30.31 20.27
N THR B 176 -15.23 30.66 19.62
CA THR B 176 -15.63 30.06 18.37
C THR B 176 -14.77 30.51 17.18
N ALA B 177 -14.41 31.79 17.13
CA ALA B 177 -13.52 32.25 16.08
C ALA B 177 -12.15 31.55 16.15
N ILE B 178 -11.64 31.35 17.37
CA ILE B 178 -10.33 30.73 17.55
C ILE B 178 -10.37 29.24 17.20
N LEU B 179 -11.38 28.56 17.68
CA LEU B 179 -11.60 27.17 17.35
C LEU B 179 -11.67 26.98 15.84
N TYR B 180 -12.29 27.90 15.14
CA TYR B 180 -12.38 27.81 13.69
C TYR B 180 -10.99 27.92 13.03
N GLU B 181 -10.19 28.88 13.51
CA GLU B 181 -8.88 29.13 12.94
C GLU B 181 -7.82 28.10 13.35
N LYS B 182 -7.88 27.67 14.61
CA LYS B 182 -6.85 26.79 15.15
C LYS B 182 -7.13 25.30 15.01
N GLN B 183 -8.41 24.91 14.93
CA GLN B 183 -8.75 23.49 14.86
C GLN B 183 -9.37 23.08 13.51
N LEU B 184 -10.39 23.82 13.09
CA LEU B 184 -11.19 23.47 11.92
C LEU B 184 -10.43 23.65 10.61
N LYS B 185 -9.83 24.81 10.41
CA LYS B 185 -9.10 25.03 9.18
C LYS B 185 -8.00 23.98 9.00
N PRO B 186 -7.15 23.75 10.03
CA PRO B 186 -6.08 22.75 9.87
C PRO B 186 -6.64 21.34 9.62
N PHE B 187 -7.71 20.99 10.32
CA PHE B 187 -8.35 19.70 10.13
C PHE B 187 -8.93 19.62 8.70
N SER B 188 -9.47 20.73 8.24
CA SER B 188 -10.05 20.78 6.92
C SER B 188 -8.99 20.46 5.85
N LYS B 189 -7.79 20.99 6.07
CA LYS B 189 -6.65 20.76 5.21
C LYS B 189 -6.22 19.30 5.20
N LEU B 190 -6.17 18.68 6.38
CA LEU B 190 -5.91 17.25 6.42
C LEU B 190 -6.92 16.45 5.61
N LEU B 191 -8.20 16.81 5.71
CA LEU B 191 -9.23 16.11 4.98
C LEU B 191 -8.95 16.18 3.48
N HIS B 192 -8.58 17.37 3.04
CA HIS B 192 -8.41 17.64 1.63
C HIS B 192 -7.21 16.87 1.05
N GLU B 193 -6.16 16.71 1.86
CA GLU B 193 -5.00 15.92 1.53
C GLU B 193 -5.27 14.42 1.61
N GLY B 194 -6.52 14.06 1.87
CA GLY B 194 -6.92 12.67 1.91
C GLY B 194 -6.43 11.87 3.10
N ARG B 195 -6.37 12.53 4.27
CA ARG B 195 -5.91 11.87 5.50
C ARG B 195 -7.04 11.63 6.51
N GLU B 196 -8.28 11.60 6.04
CA GLU B 196 -9.44 11.48 6.94
C GLU B 196 -9.45 10.17 7.73
N SER B 197 -8.64 9.21 7.31
CA SER B 197 -8.69 7.89 7.92
C SER B 197 -7.82 7.88 9.17
N THR B 198 -6.94 8.88 9.29
CA THR B 198 -5.99 8.93 10.40
C THR B 198 -6.16 10.12 11.34
N CYS B 199 -7.28 10.81 11.22
CA CYS B 199 -7.59 11.87 12.18
C CYS B 199 -9.08 11.88 12.51
N VAL B 200 -9.61 10.76 12.97
CA VAL B 200 -11.04 10.68 13.17
C VAL B 200 -11.49 11.43 14.43
N PRO B 201 -12.64 12.08 14.36
CA PRO B 201 -13.21 12.86 15.47
C PRO B 201 -13.65 11.97 16.63
N PRO B 202 -13.80 12.56 17.81
CA PRO B 202 -14.14 11.85 19.05
C PRO B 202 -15.38 10.96 18.96
N ASN B 203 -16.27 11.18 18.00
CA ASN B 203 -17.41 10.28 17.85
C ASN B 203 -17.35 9.34 16.64
N ASN B 204 -16.13 9.16 16.11
CA ASN B 204 -15.93 8.41 14.87
C ASN B 204 -16.63 9.06 13.66
N VAL B 205 -16.51 8.39 12.50
CA VAL B 205 -17.02 8.89 11.23
C VAL B 205 -18.29 8.18 10.81
N SER B 206 -19.33 8.95 10.52
CA SER B 206 -20.60 8.39 10.05
C SER B 206 -20.78 8.53 8.53
N VAL B 207 -20.15 9.56 7.96
CA VAL B 207 -20.24 9.83 6.54
C VAL B 207 -18.88 10.40 6.14
N PRO B 208 -18.14 9.68 5.29
CA PRO B 208 -16.82 10.19 4.93
C PRO B 208 -16.91 11.49 4.15
N LEU B 209 -15.74 12.05 3.84
CA LEU B 209 -15.65 13.29 3.08
C LEU B 209 -16.34 13.24 1.70
N LEU B 210 -16.11 12.16 0.94
CA LEU B 210 -16.72 11.88 -0.38
C LEU B 210 -16.37 12.82 -1.53
N MET B 211 -16.19 14.10 -1.25
CA MET B 211 -16.19 15.07 -2.33
C MET B 211 -14.97 14.99 -3.26
N PRO B 212 -13.76 15.01 -2.69
CA PRO B 212 -12.56 14.98 -3.54
C PRO B 212 -12.46 13.68 -4.34
N LEU B 213 -12.86 12.58 -3.71
CA LEU B 213 -12.92 11.28 -4.37
C LEU B 213 -13.92 11.26 -5.52
N VAL B 214 -15.13 11.68 -5.23
CA VAL B 214 -16.23 11.66 -6.21
C VAL B 214 -15.93 12.61 -7.38
N THR B 215 -15.15 13.64 -7.10
CA THR B 215 -14.83 14.63 -8.10
C THR B 215 -13.66 14.13 -8.96
N LEU B 216 -12.76 13.36 -8.34
CA LEU B 216 -11.62 12.75 -9.04
C LEU B 216 -12.09 11.76 -10.09
N MET B 217 -13.10 10.96 -9.73
CA MET B 217 -13.70 9.95 -10.60
C MET B 217 -14.59 10.56 -11.66
N GLU B 218 -15.15 11.74 -11.40
CA GLU B 218 -16.02 12.38 -12.38
C GLU B 218 -15.31 13.54 -13.07
N ARG B 219 -14.66 13.26 -14.20
CA ARG B 219 -13.86 14.27 -14.87
C ARG B 219 -14.75 15.33 -15.52
N GLN B 220 -16.05 15.07 -15.56
CA GLN B 220 -17.01 16.00 -16.14
C GLN B 220 -17.73 16.83 -15.06
N ALA B 221 -17.43 16.55 -13.80
CA ALA B 221 -18.05 17.23 -12.67
C ALA B 221 -18.01 18.76 -12.77
N VAL B 222 -19.15 19.39 -12.48
CA VAL B 222 -19.23 20.83 -12.31
C VAL B 222 -19.36 21.17 -10.82
N THR B 223 -18.42 21.96 -10.29
CA THR B 223 -18.50 22.40 -8.89
C THR B 223 -18.61 23.91 -8.84
N PHE B 224 -19.23 24.42 -7.78
CA PHE B 224 -19.41 25.86 -7.62
C PHE B 224 -18.09 26.58 -7.33
N GLU B 225 -17.77 27.57 -8.17
CA GLU B 225 -16.53 28.33 -8.06
C GLU B 225 -15.28 27.44 -8.22
N GLY B 226 -15.38 26.46 -9.11
CA GLY B 226 -14.25 25.62 -9.44
C GLY B 226 -13.43 25.06 -8.28
N THR B 227 -14.10 24.66 -7.20
CA THR B 227 -13.45 23.97 -6.10
C THR B 227 -13.33 22.45 -6.36
N ASP B 228 -12.39 21.78 -5.70
CA ASP B 228 -12.17 20.34 -5.88
C ASP B 228 -11.95 19.98 -7.36
N MET B 229 -11.26 20.86 -8.09
CA MET B 229 -11.06 20.69 -9.54
C MET B 229 -9.65 20.18 -9.91
N TRP B 230 -8.89 19.73 -8.92
CA TRP B 230 -7.60 19.09 -9.18
C TRP B 230 -6.72 19.83 -10.20
N GLU B 231 -6.40 21.08 -9.89
CA GLU B 231 -5.55 21.90 -10.75
C GLU B 231 -4.32 22.29 -9.95
N LYS B 232 -3.34 22.90 -10.61
CA LYS B 232 -2.20 23.50 -9.92
C LYS B 232 -1.57 22.60 -8.83
N ASN B 233 -1.80 22.95 -7.57
CA ASN B 233 -1.14 22.33 -6.43
C ASN B 233 -1.77 21.04 -5.89
N ASP B 234 -2.92 20.66 -6.45
CA ASP B 234 -3.58 19.44 -6.01
C ASP B 234 -3.33 18.29 -6.97
N GLN B 235 -2.68 18.60 -8.09
CA GLN B 235 -2.23 17.57 -9.02
C GLN B 235 -0.97 16.92 -8.43
N SER B 236 -1.15 16.22 -7.30
CA SER B 236 -0.15 15.29 -6.77
C SER B 236 -0.76 13.89 -6.71
N CYS B 237 -0.03 12.90 -7.24
CA CYS B 237 -0.43 11.50 -7.16
C CYS B 237 -0.53 11.05 -5.72
N GLU B 238 0.31 11.64 -4.89
CA GLU B 238 0.29 11.35 -3.46
C GLU B 238 -1.12 11.59 -2.89
N ILE B 239 -1.67 12.78 -3.13
CA ILE B 239 -2.98 13.10 -2.58
C ILE B 239 -4.04 12.23 -3.26
N MET B 240 -3.93 12.14 -4.57
CA MET B 240 -4.83 11.28 -5.35
C MET B 240 -4.84 9.87 -4.81
N LEU B 241 -3.66 9.30 -4.56
CA LEU B 241 -3.52 7.97 -3.94
C LEU B 241 -4.19 7.87 -2.56
N ASN B 242 -3.90 8.82 -1.67
CA ASN B 242 -4.57 8.90 -0.37
C ASN B 242 -6.10 8.70 -0.45
N HIS B 243 -6.73 9.40 -1.39
CA HIS B 243 -8.17 9.33 -1.55
C HIS B 243 -8.63 7.97 -2.10
N LEU B 244 -7.94 7.50 -3.13
CA LEU B 244 -8.30 6.23 -3.73
C LEU B 244 -8.06 5.07 -2.77
N ALA B 245 -6.93 5.09 -2.05
CA ALA B 245 -6.69 4.05 -1.04
C ALA B 245 -7.77 4.09 0.04
N THR B 246 -8.22 5.29 0.41
CA THR B 246 -9.24 5.41 1.43
C THR B 246 -10.57 4.89 0.91
N ALA B 247 -10.81 5.06 -0.39
CA ALA B 247 -12.06 4.60 -0.98
C ALA B 247 -12.14 3.07 -0.97
N ARG B 248 -11.01 2.42 -1.20
CA ARG B 248 -11.03 0.96 -1.17
C ARG B 248 -11.33 0.48 0.26
N PHE B 249 -10.71 1.13 1.24
CA PHE B 249 -10.99 0.87 2.64
C PHE B 249 -12.46 1.15 2.96
N MET B 250 -12.91 2.34 2.55
CA MET B 250 -14.31 2.75 2.72
C MET B 250 -15.29 1.70 2.21
N ALA B 251 -15.02 1.12 1.05
CA ALA B 251 -15.95 0.17 0.45
C ALA B 251 -16.00 -1.17 1.19
N GLU B 252 -14.85 -1.64 1.67
CA GLU B 252 -14.83 -2.87 2.44
C GLU B 252 -15.48 -2.70 3.81
N ALA B 253 -15.27 -1.54 4.43
CA ALA B 253 -15.80 -1.29 5.76
C ALA B 253 -17.05 -0.42 5.74
N ALA B 254 -17.90 -0.58 4.74
CA ALA B 254 -19.07 0.28 4.60
C ALA B 254 -20.02 0.18 5.81
N ASP B 255 -20.08 -1.00 6.41
CA ASP B 255 -21.05 -1.23 7.47
C ASP B 255 -20.69 -0.50 8.77
N SER B 256 -19.40 -0.27 8.99
CA SER B 256 -18.98 0.41 10.20
C SER B 256 -19.54 1.83 10.20
N TYR B 257 -19.58 2.48 9.03
CA TYR B 257 -20.19 3.81 8.94
C TYR B 257 -21.67 3.74 9.28
N ARG B 258 -22.34 2.72 8.77
CA ARG B 258 -23.77 2.51 8.98
C ARG B 258 -24.09 2.39 10.48
N MET B 259 -23.40 1.48 11.16
CA MET B 259 -23.58 1.27 12.59
C MET B 259 -23.30 2.55 13.40
N ASN B 260 -22.25 3.26 13.01
CA ASN B 260 -21.88 4.49 13.69
C ASN B 260 -23.01 5.51 13.60
N ALA B 261 -23.61 5.65 12.43
CA ALA B 261 -24.71 6.60 12.25
C ALA B 261 -25.97 6.16 13.03
N GLU B 262 -26.21 4.85 13.06
CA GLU B 262 -27.38 4.32 13.77
C GLU B 262 -27.27 4.59 15.26
N ARG B 263 -26.07 4.42 15.79
CA ARG B 263 -25.83 4.65 17.21
C ARG B 263 -26.06 6.11 17.58
N ILE B 264 -25.54 7.01 16.76
CA ILE B 264 -25.62 8.43 17.01
C ILE B 264 -27.06 8.93 16.89
N LEU B 265 -27.87 8.27 16.07
CA LEU B 265 -29.22 8.76 15.77
C LEU B 265 -30.32 8.03 16.48
N ALA B 266 -29.96 7.13 17.41
CA ALA B 266 -30.95 6.22 18.01
C ALA B 266 -32.13 6.92 18.70
N GLY B 267 -31.86 7.93 19.52
CA GLY B 267 -32.97 8.62 20.14
C GLY B 267 -33.42 9.86 19.38
N PHE B 268 -33.21 9.85 18.06
CA PHE B 268 -33.51 11.05 17.26
C PHE B 268 -34.78 10.92 16.44
N GLN B 269 -35.60 11.96 16.49
CA GLN B 269 -36.80 12.03 15.68
C GLN B 269 -36.81 13.34 14.90
N PRO B 270 -36.79 13.25 13.58
CA PRO B 270 -36.70 14.47 12.78
C PRO B 270 -37.93 15.34 12.96
N ASP B 271 -37.73 16.65 12.97
CA ASP B 271 -38.86 17.56 12.93
C ASP B 271 -39.19 17.74 11.47
N GLU B 272 -40.48 17.76 11.14
CA GLU B 272 -40.88 17.64 9.75
C GLU B 272 -40.36 18.78 8.86
N GLU B 273 -40.53 20.02 9.31
CA GLU B 273 -40.18 21.15 8.46
C GLU B 273 -38.66 21.27 8.29
N MET B 274 -37.92 21.01 9.36
CA MET B 274 -36.47 21.11 9.33
C MET B 274 -35.92 20.04 8.41
N ASN B 275 -36.51 18.86 8.46
CA ASN B 275 -36.13 17.79 7.56
C ASN B 275 -36.39 18.23 6.13
N GLU B 276 -37.46 18.97 5.90
CA GLU B 276 -37.81 19.39 4.55
C GLU B 276 -36.73 20.29 3.95
N ILE B 277 -36.28 21.25 4.75
CA ILE B 277 -35.31 22.24 4.29
C ILE B 277 -33.93 21.62 4.12
N CYS B 278 -33.72 20.46 4.74
CA CYS B 278 -32.48 19.71 4.54
C CYS B 278 -32.46 18.93 3.21
N LYS B 279 -33.59 18.88 2.50
CA LYS B 279 -33.63 18.19 1.21
C LYS B 279 -33.00 19.04 0.10
N THR B 280 -32.16 18.42 -0.71
CA THR B 280 -31.45 19.13 -1.76
C THR B 280 -32.42 19.79 -2.77
N GLU B 281 -33.54 19.13 -3.00
CA GLU B 281 -34.57 19.65 -3.91
CA GLU B 281 -34.60 19.63 -3.89
C GLU B 281 -35.17 20.95 -3.36
N PHE B 282 -35.44 20.98 -2.07
CA PHE B 282 -35.94 22.17 -1.41
C PHE B 282 -34.97 23.35 -1.62
N GLN B 283 -33.70 23.14 -1.28
CA GLN B 283 -32.66 24.16 -1.46
C GLN B 283 -32.48 24.65 -2.90
N MET B 284 -32.64 23.76 -3.88
CA MET B 284 -32.54 24.15 -5.29
C MET B 284 -33.71 25.05 -5.66
N ARG B 285 -34.88 24.81 -5.08
CA ARG B 285 -36.04 25.62 -5.42
C ARG B 285 -35.92 27.00 -4.79
N LEU B 286 -35.41 27.02 -3.57
CA LEU B 286 -35.21 28.25 -2.82
C LEU B 286 -34.22 29.16 -3.52
N LEU B 287 -33.17 28.57 -4.06
CA LEU B 287 -32.07 29.32 -4.64
C LEU B 287 -32.35 29.78 -6.06
N TRP B 288 -32.79 28.85 -6.91
CA TRP B 288 -32.90 29.09 -8.35
C TRP B 288 -34.35 29.26 -8.85
N GLY B 289 -35.32 29.02 -7.96
CA GLY B 289 -36.73 29.11 -8.32
C GLY B 289 -37.26 27.79 -8.85
N SER B 290 -38.58 27.63 -8.86
CA SER B 290 -39.18 26.36 -9.26
C SER B 290 -39.21 26.14 -10.77
N LYS B 291 -38.59 27.04 -11.52
CA LYS B 291 -38.45 26.85 -12.97
C LYS B 291 -36.99 26.97 -13.40
N GLY B 292 -36.18 27.60 -12.56
CA GLY B 292 -34.79 27.80 -12.89
C GLY B 292 -33.86 26.81 -12.21
N ALA B 293 -34.44 25.91 -11.43
CA ALA B 293 -33.66 24.92 -10.71
C ALA B 293 -33.30 23.78 -11.65
N GLN B 294 -33.89 23.80 -12.84
CA GLN B 294 -33.67 22.75 -13.83
C GLN B 294 -32.61 23.15 -14.88
N VAL B 295 -32.18 24.41 -14.84
CA VAL B 295 -31.12 24.90 -15.72
C VAL B 295 -29.81 24.17 -15.47
N ASN B 296 -28.93 24.17 -16.47
CA ASN B 296 -27.65 23.46 -16.35
C ASN B 296 -26.77 23.99 -15.20
N GLN B 297 -26.07 23.07 -14.55
CA GLN B 297 -25.20 23.41 -13.42
C GLN B 297 -24.34 24.63 -13.65
N THR B 298 -23.55 24.60 -14.72
CA THR B 298 -22.57 25.65 -14.97
C THR B 298 -23.19 27.04 -14.94
N GLU B 299 -24.35 27.17 -15.57
CA GLU B 299 -25.06 28.41 -15.60
C GLU B 299 -25.62 28.77 -14.20
N ARG B 300 -26.18 27.79 -13.51
CA ARG B 300 -26.72 28.04 -12.18
C ARG B 300 -25.62 28.52 -11.25
N TYR B 301 -24.46 27.87 -11.32
CA TYR B 301 -23.39 28.23 -10.41
C TYR B 301 -22.79 29.61 -10.77
N GLU B 302 -22.73 29.93 -12.05
CA GLU B 302 -22.21 31.23 -12.44
C GLU B 302 -23.13 32.35 -11.95
N LYS B 303 -24.42 32.08 -11.98
CA LYS B 303 -25.42 33.03 -11.53
C LYS B 303 -25.16 33.47 -10.08
N PHE B 304 -24.88 32.51 -9.20
CA PHE B 304 -24.59 32.85 -7.82
C PHE B 304 -23.20 33.40 -7.58
N ASN B 305 -22.24 33.01 -8.42
CA ASN B 305 -20.95 33.66 -8.37
C ASN B 305 -21.18 35.16 -8.40
N GLN B 306 -21.83 35.63 -9.47
CA GLN B 306 -22.14 37.04 -9.64
C GLN B 306 -22.95 37.61 -8.48
N ILE B 307 -24.02 36.91 -8.11
CA ILE B 307 -24.88 37.34 -7.01
C ILE B 307 -24.08 37.55 -5.73
N LEU B 308 -23.51 36.46 -5.21
CA LEU B 308 -22.71 36.51 -3.98
C LEU B 308 -21.63 37.59 -4.00
N THR B 309 -21.02 37.80 -5.17
CA THR B 309 -19.98 38.80 -5.28
C THR B 309 -20.58 40.20 -5.16
N ALA B 310 -21.77 40.39 -5.73
CA ALA B 310 -22.46 41.66 -5.64
C ALA B 310 -22.89 41.94 -4.20
N LEU B 311 -23.23 40.89 -3.47
CA LEU B 311 -23.64 41.09 -2.09
C LEU B 311 -22.43 41.50 -1.25
N SER B 312 -21.36 40.72 -1.34
CA SER B 312 -20.18 40.99 -0.52
C SER B 312 -19.63 42.39 -0.72
N ARG B 313 -19.83 42.96 -1.91
CA ARG B 313 -19.28 44.30 -2.19
C ARG B 313 -20.20 45.41 -1.70
N LYS B 314 -21.51 45.17 -1.79
CA LYS B 314 -22.49 46.04 -1.16
C LYS B 314 -22.18 46.13 0.32
N LEU B 315 -22.14 44.95 0.94
CA LEU B 315 -22.04 44.84 2.40
C LEU B 315 -20.78 45.46 2.97
N GLU B 316 -19.65 45.18 2.33
CA GLU B 316 -18.36 45.70 2.76
C GLU B 316 -17.53 46.06 1.54
N PRO B 317 -17.57 47.34 1.11
CA PRO B 317 -16.88 47.79 -0.11
C PRO B 317 -15.37 47.82 0.05
N PRO B 318 -14.65 47.77 -1.08
CA PRO B 318 -13.19 47.88 -1.10
C PRO B 318 -12.70 49.27 -0.67
N THR C 11 12.41 -27.82 9.81
CA THR C 11 13.22 -29.02 9.57
C THR C 11 14.71 -28.68 9.43
N VAL C 12 15.39 -29.40 8.54
CA VAL C 12 16.77 -29.06 8.17
C VAL C 12 16.80 -28.86 6.65
N SER C 13 17.98 -28.73 6.06
CA SER C 13 18.08 -28.53 4.62
C SER C 13 17.60 -29.76 3.85
N SER C 14 17.51 -29.61 2.53
CA SER C 14 17.28 -30.73 1.64
C SER C 14 18.64 -31.13 1.04
N PHE C 15 19.67 -30.36 1.38
CA PHE C 15 21.03 -30.70 0.97
C PHE C 15 21.46 -31.96 1.70
N ARG C 16 22.24 -32.79 1.03
CA ARG C 16 22.64 -34.08 1.58
C ARG C 16 24.13 -34.29 1.41
N PRO C 17 24.93 -33.42 2.03
CA PRO C 17 26.39 -33.33 1.88
C PRO C 17 27.16 -34.62 2.18
N ASN C 18 26.66 -35.46 3.08
CA ASN C 18 27.32 -36.73 3.33
C ASN C 18 27.14 -37.70 2.15
N GLU C 19 25.95 -37.68 1.56
CA GLU C 19 25.61 -38.54 0.41
C GLU C 19 26.12 -37.98 -0.91
N PHE C 20 26.42 -36.69 -0.93
CA PHE C 20 26.88 -36.03 -2.14
C PHE C 20 28.18 -36.63 -2.69
N GLU C 21 28.17 -36.92 -3.99
CA GLU C 21 29.37 -37.42 -4.67
C GLU C 21 29.74 -36.48 -5.81
N SER C 22 31.01 -36.50 -6.20
CA SER C 22 31.47 -35.65 -7.29
C SER C 22 32.86 -36.03 -7.76
N LYS C 23 33.05 -35.97 -9.07
CA LYS C 23 34.31 -36.26 -9.76
C LYS C 23 35.47 -35.46 -9.17
N PHE C 24 35.16 -34.30 -8.60
CA PHE C 24 36.18 -33.37 -8.09
C PHE C 24 36.28 -33.36 -6.56
N LEU C 25 35.59 -34.26 -5.88
CA LEU C 25 35.58 -34.30 -4.43
C LEU C 25 35.86 -35.70 -3.85
N PRO C 26 37.03 -35.86 -3.19
CA PRO C 26 37.38 -37.15 -2.60
C PRO C 26 36.30 -37.61 -1.61
N PRO C 27 35.70 -38.78 -1.85
CA PRO C 27 34.62 -39.31 -1.00
C PRO C 27 34.96 -39.37 0.49
N GLU C 28 36.22 -39.64 0.85
CA GLU C 28 36.56 -39.74 2.27
C GLU C 28 37.08 -38.44 2.84
N ASN C 29 36.94 -37.36 2.08
CA ASN C 29 37.50 -36.07 2.47
C ASN C 29 37.15 -35.69 3.90
N LYS C 30 38.09 -35.03 4.57
CA LYS C 30 37.81 -34.51 5.90
C LYS C 30 37.79 -32.99 5.87
N PRO C 31 37.53 -32.37 7.02
CA PRO C 31 37.33 -30.92 7.02
C PRO C 31 38.56 -30.12 6.57
N LEU C 32 38.32 -29.14 5.70
CA LEU C 32 39.34 -28.18 5.29
C LEU C 32 40.62 -28.83 4.77
N GLU C 33 40.49 -29.94 4.04
CA GLU C 33 41.65 -30.59 3.44
C GLU C 33 42.48 -29.60 2.63
N THR C 34 43.72 -29.45 3.05
CA THR C 34 44.62 -28.43 2.50
C THR C 34 44.70 -28.39 0.96
N ALA C 35 44.84 -29.56 0.34
CA ALA C 35 44.95 -29.64 -1.13
C ALA C 35 43.64 -29.23 -1.81
N LEU C 36 42.52 -29.65 -1.22
CA LEU C 36 41.20 -29.24 -1.69
C LEU C 36 41.00 -27.73 -1.65
N LEU C 37 41.49 -27.08 -0.60
CA LEU C 37 41.40 -25.64 -0.54
C LEU C 37 42.34 -25.01 -1.55
N LYS C 38 43.55 -25.54 -1.65
CA LYS C 38 44.52 -25.03 -2.63
C LYS C 38 43.90 -25.01 -4.02
N ARG C 39 43.26 -26.12 -4.40
CA ARG C 39 42.63 -26.22 -5.70
C ARG C 39 41.51 -25.20 -5.87
N ALA C 40 40.62 -25.13 -4.89
CA ALA C 40 39.50 -24.20 -4.96
C ALA C 40 39.96 -22.78 -5.24
N LYS C 41 40.96 -22.33 -4.48
CA LYS C 41 41.55 -21.01 -4.67
C LYS C 41 42.16 -20.89 -6.06
N GLU C 42 42.94 -21.87 -6.48
CA GLU C 42 43.42 -21.95 -7.88
C GLU C 42 42.33 -21.58 -8.91
N LEU C 43 41.11 -22.07 -8.69
CA LEU C 43 39.98 -21.78 -9.58
C LEU C 43 39.57 -20.30 -9.53
N PHE C 44 39.44 -19.79 -8.33
CA PHE C 44 39.06 -18.39 -8.15
C PHE C 44 40.18 -17.47 -8.65
N THR C 45 41.41 -17.94 -8.51
CA THR C 45 42.57 -17.19 -8.98
C THR C 45 42.62 -17.13 -10.50
N ASN C 46 42.36 -18.27 -11.14
CA ASN C 46 42.52 -18.41 -12.60
C ASN C 46 41.36 -17.93 -13.44
N ASN C 47 40.34 -17.37 -12.80
CA ASN C 47 39.18 -16.87 -13.54
C ASN C 47 38.90 -15.41 -13.22
N ASP C 48 38.32 -14.72 -14.19
CA ASP C 48 38.02 -13.31 -14.01
C ASP C 48 36.71 -13.15 -13.22
N PRO C 49 36.51 -12.00 -12.56
CA PRO C 49 35.33 -11.77 -11.70
C PRO C 49 33.97 -12.05 -12.37
N LYS C 50 33.80 -11.71 -13.65
CA LYS C 50 32.53 -11.94 -14.30
C LYS C 50 32.22 -13.43 -14.55
N VAL C 51 33.24 -14.23 -14.88
CA VAL C 51 33.01 -15.66 -15.14
C VAL C 51 32.61 -16.35 -13.84
N ILE C 52 33.20 -15.88 -12.74
CA ILE C 52 32.86 -16.39 -11.42
C ILE C 52 31.42 -16.04 -11.11
N ALA C 53 31.09 -14.75 -11.23
CA ALA C 53 29.76 -14.27 -10.94
C ALA C 53 28.67 -15.00 -11.76
N GLN C 54 28.99 -15.29 -13.01
CA GLN C 54 28.06 -16.01 -13.88
C GLN C 54 27.75 -17.40 -13.33
N HIS C 55 28.77 -18.10 -12.84
CA HIS C 55 28.53 -19.44 -12.29
C HIS C 55 27.70 -19.33 -11.02
N VAL C 56 27.97 -18.32 -10.21
CA VAL C 56 27.19 -18.10 -9.02
C VAL C 56 25.73 -17.77 -9.35
N LEU C 57 25.52 -16.86 -10.30
CA LEU C 57 24.18 -16.53 -10.74
C LEU C 57 23.47 -17.79 -11.25
N SER C 58 24.15 -18.54 -12.09
CA SER C 58 23.56 -19.76 -12.64
C SER C 58 23.13 -20.75 -11.55
N MET C 59 23.99 -20.95 -10.55
CA MET C 59 23.68 -21.85 -9.45
C MET C 59 22.52 -21.32 -8.60
N ASP C 60 22.60 -20.04 -8.23
CA ASP C 60 21.53 -19.43 -7.46
C ASP C 60 20.17 -19.58 -8.17
N CYS C 61 20.17 -19.44 -9.49
CA CYS C 61 18.91 -19.57 -10.22
C CYS C 61 18.36 -20.99 -10.14
N ARG C 62 19.24 -21.98 -10.04
CA ARG C 62 18.78 -23.36 -9.95
C ARG C 62 18.29 -23.67 -8.54
N VAL C 63 19.04 -23.25 -7.52
CA VAL C 63 18.58 -23.46 -6.15
C VAL C 63 17.24 -22.76 -5.86
N ALA C 64 17.10 -21.51 -6.31
CA ALA C 64 15.89 -20.74 -6.13
C ALA C 64 14.73 -21.17 -7.05
N ARG C 65 14.98 -22.13 -7.93
CA ARG C 65 13.98 -22.51 -8.92
C ARG C 65 13.46 -21.30 -9.71
N ILE C 66 14.40 -20.54 -10.26
CA ILE C 66 14.11 -19.47 -11.20
C ILE C 66 14.34 -19.96 -12.62
N LEU C 67 15.45 -20.65 -12.82
CA LEU C 67 15.80 -21.25 -14.11
C LEU C 67 15.99 -22.76 -13.95
N GLY C 68 15.80 -23.50 -15.03
CA GLY C 68 16.10 -24.93 -15.02
C GLY C 68 15.10 -25.76 -14.23
N VAL C 69 13.86 -25.32 -14.18
CA VAL C 69 12.83 -26.06 -13.50
C VAL C 69 12.27 -27.13 -14.45
N SER C 70 12.42 -28.40 -14.09
CA SER C 70 11.87 -29.45 -14.93
C SER C 70 10.34 -29.39 -14.96
N GLU C 71 9.74 -30.05 -15.95
CA GLU C 71 8.29 -30.05 -16.09
C GLU C 71 7.64 -30.72 -14.89
N GLU C 72 8.27 -31.80 -14.44
CA GLU C 72 7.80 -32.49 -13.26
C GLU C 72 7.77 -31.49 -12.12
N MET C 73 8.87 -30.75 -11.98
CA MET C 73 9.00 -29.76 -10.90
C MET C 73 7.90 -28.67 -10.93
N ARG C 74 7.51 -28.18 -12.11
CA ARG C 74 6.42 -27.17 -12.17
C ARG C 74 5.04 -27.75 -11.82
N ARG C 75 4.77 -28.96 -12.28
CA ARG C 75 3.54 -29.68 -11.95
C ARG C 75 3.51 -29.97 -10.45
N ASN C 76 4.64 -30.39 -9.93
CA ASN C 76 4.73 -30.75 -8.53
C ASN C 76 4.61 -29.52 -7.64
N MET C 77 5.17 -28.41 -8.10
CA MET C 77 5.16 -27.16 -7.34
C MET C 77 3.81 -26.46 -7.48
N GLY C 78 3.21 -26.54 -8.66
CA GLY C 78 1.94 -25.89 -8.89
C GLY C 78 2.11 -24.40 -9.17
N VAL C 79 3.31 -23.89 -8.96
CA VAL C 79 3.62 -22.55 -9.44
C VAL C 79 4.86 -22.64 -10.32
N SER C 80 5.14 -21.60 -11.09
CA SER C 80 6.22 -21.65 -12.07
C SER C 80 7.59 -21.28 -11.54
N SER C 81 7.63 -20.73 -10.32
CA SER C 81 8.89 -20.23 -9.79
C SER C 81 9.02 -20.43 -8.27
N GLY C 82 10.20 -20.85 -7.84
CA GLY C 82 10.50 -20.85 -6.42
C GLY C 82 10.23 -19.51 -5.74
N LEU C 83 10.27 -18.42 -6.49
CA LEU C 83 10.08 -17.11 -5.86
C LEU C 83 8.61 -16.96 -5.46
N GLU C 84 7.71 -17.61 -6.17
CA GLU C 84 6.33 -17.61 -5.73
C GLU C 84 6.17 -18.60 -4.59
N LEU C 85 6.84 -19.75 -4.69
CA LEU C 85 6.80 -20.77 -3.64
C LEU C 85 7.25 -20.26 -2.25
N ILE C 86 8.30 -19.44 -2.18
CA ILE C 86 8.80 -19.05 -0.87
C ILE C 86 7.86 -18.13 -0.06
N THR C 87 6.93 -17.48 -0.76
CA THR C 87 5.91 -16.64 -0.11
C THR C 87 4.74 -17.42 0.51
N LEU C 88 4.69 -18.72 0.27
CA LEU C 88 3.63 -19.58 0.81
C LEU C 88 4.16 -20.48 1.94
N PRO C 89 3.24 -20.96 2.80
CA PRO C 89 3.65 -21.89 3.87
C PRO C 89 4.46 -23.06 3.34
N HIS C 90 3.99 -23.66 2.25
CA HIS C 90 4.67 -24.83 1.69
C HIS C 90 6.09 -24.57 1.16
N GLY C 91 6.54 -23.31 1.18
CA GLY C 91 7.89 -22.98 0.76
C GLY C 91 8.87 -23.09 1.90
N HIS C 92 8.43 -23.71 2.98
CA HIS C 92 9.24 -23.87 4.18
C HIS C 92 10.61 -24.49 3.87
N GLN C 93 10.60 -25.64 3.18
CA GLN C 93 11.81 -26.37 2.84
C GLN C 93 12.79 -25.48 2.04
N LEU C 94 12.28 -24.91 0.94
CA LEU C 94 13.04 -23.99 0.10
C LEU C 94 13.65 -22.82 0.91
N ARG C 95 12.86 -22.17 1.76
CA ARG C 95 13.39 -21.11 2.64
C ARG C 95 14.59 -21.60 3.49
N LEU C 96 14.47 -22.78 4.10
CA LEU C 96 15.60 -23.31 4.85
C LEU C 96 16.80 -23.60 3.95
N ASP C 97 16.58 -24.03 2.70
CA ASP C 97 17.70 -24.28 1.78
C ASP C 97 18.43 -23.00 1.43
N ILE C 98 17.63 -21.96 1.17
CA ILE C 98 18.15 -20.65 0.85
C ILE C 98 18.98 -20.08 1.99
N ILE C 99 18.52 -20.32 3.21
CA ILE C 99 19.26 -19.92 4.39
C ILE C 99 20.58 -20.70 4.52
N GLU C 100 20.53 -22.03 4.40
CA GLU C 100 21.76 -22.84 4.51
C GLU C 100 22.83 -22.37 3.51
N ARG C 101 22.44 -22.25 2.25
CA ARG C 101 23.32 -21.83 1.17
C ARG C 101 23.96 -20.47 1.42
N HIS C 102 23.17 -19.54 1.95
CA HIS C 102 23.67 -18.20 2.21
C HIS C 102 24.71 -18.21 3.32
N ASN C 103 24.44 -18.95 4.40
CA ASN C 103 25.42 -19.10 5.48
C ASN C 103 26.68 -19.79 4.99
N THR C 104 26.51 -20.93 4.33
CA THR C 104 27.66 -21.70 3.88
C THR C 104 28.53 -20.86 2.96
N MET C 105 27.90 -20.12 2.05
CA MET C 105 28.63 -19.27 1.12
C MET C 105 29.42 -18.16 1.82
N ALA C 106 28.80 -17.47 2.77
CA ALA C 106 29.51 -16.44 3.53
C ALA C 106 30.71 -17.03 4.29
N ILE C 107 30.51 -18.13 5.00
CA ILE C 107 31.62 -18.76 5.69
C ILE C 107 32.74 -19.07 4.71
N GLY C 108 32.38 -19.53 3.53
CA GLY C 108 33.35 -19.92 2.51
C GLY C 108 34.25 -18.78 2.09
N ILE C 109 33.63 -17.66 1.72
CA ILE C 109 34.37 -16.44 1.40
C ILE C 109 35.34 -16.07 2.53
N ALA C 110 34.84 -15.95 3.76
CA ALA C 110 35.70 -15.59 4.89
C ALA C 110 36.88 -16.55 5.02
N VAL C 111 36.62 -17.84 4.81
CA VAL C 111 37.67 -18.85 4.86
C VAL C 111 38.68 -18.62 3.75
N ASP C 112 38.24 -18.08 2.62
CA ASP C 112 39.15 -17.80 1.53
C ASP C 112 40.13 -16.69 1.86
N ILE C 113 39.66 -15.71 2.65
CA ILE C 113 40.54 -14.63 3.08
C ILE C 113 41.43 -15.09 4.24
N LEU C 114 40.82 -15.71 5.24
CA LEU C 114 41.50 -16.11 6.47
C LEU C 114 42.30 -17.41 6.40
N GLY C 115 42.24 -18.11 5.26
CA GLY C 115 42.85 -19.42 5.16
C GLY C 115 43.69 -19.66 3.91
N CYS C 116 43.13 -19.34 2.75
CA CYS C 116 43.77 -19.63 1.45
C CYS C 116 44.83 -18.62 1.03
N THR C 117 45.54 -18.07 2.02
CA THR C 117 46.48 -16.99 1.74
C THR C 117 47.83 -17.18 2.41
N GLY C 118 48.88 -16.78 1.69
CA GLY C 118 50.23 -16.81 2.19
C GLY C 118 50.66 -15.46 2.69
N THR C 119 51.01 -14.55 1.78
CA THR C 119 51.57 -13.27 2.19
C THR C 119 50.50 -12.20 2.30
N LEU C 120 50.77 -11.20 3.13
CA LEU C 120 49.88 -10.05 3.30
C LEU C 120 49.39 -9.50 1.96
N GLU C 121 50.30 -9.28 1.02
CA GLU C 121 49.95 -8.79 -0.31
C GLU C 121 48.95 -9.70 -1.03
N ASP C 122 49.20 -11.00 -1.00
CA ASP C 122 48.28 -11.97 -1.61
C ASP C 122 46.89 -11.85 -1.00
N ARG C 123 46.87 -11.65 0.31
CA ARG C 123 45.63 -11.56 1.05
C ARG C 123 44.85 -10.30 0.64
N ALA C 124 45.55 -9.18 0.48
CA ALA C 124 44.91 -7.98 -0.03
C ALA C 124 44.34 -8.26 -1.42
N ALA C 125 45.11 -8.99 -2.23
CA ALA C 125 44.72 -9.30 -3.61
C ALA C 125 43.46 -10.20 -3.65
N THR C 126 43.37 -11.14 -2.72
CA THR C 126 42.19 -11.98 -2.57
C THR C 126 40.97 -11.13 -2.18
N LEU C 127 41.18 -10.25 -1.20
CA LEU C 127 40.15 -9.30 -0.79
C LEU C 127 39.65 -8.46 -1.97
N SER C 128 40.59 -7.97 -2.78
CA SER C 128 40.21 -7.22 -3.96
C SER C 128 39.38 -8.06 -4.95
N LYS C 129 39.77 -9.31 -5.16
CA LYS C 129 39.07 -10.20 -6.10
C LYS C 129 37.62 -10.37 -5.65
N ILE C 130 37.45 -10.64 -4.36
CA ILE C 130 36.14 -10.79 -3.75
C ILE C 130 35.25 -9.57 -3.95
N ILE C 131 35.81 -8.38 -3.72
CA ILE C 131 35.03 -7.17 -3.91
C ILE C 131 34.64 -7.02 -5.38
N GLN C 132 35.58 -7.34 -6.26
CA GLN C 132 35.31 -7.31 -7.69
C GLN C 132 34.21 -8.27 -8.11
N VAL C 133 34.16 -9.44 -7.48
CA VAL C 133 33.08 -10.38 -7.78
C VAL C 133 31.76 -9.84 -7.27
N ALA C 134 31.80 -9.19 -6.11
CA ALA C 134 30.61 -8.58 -5.53
C ALA C 134 30.04 -7.56 -6.52
N VAL C 135 30.90 -6.70 -7.06
CA VAL C 135 30.51 -5.76 -8.09
C VAL C 135 29.84 -6.40 -9.33
N GLU C 136 30.41 -7.49 -9.84
CA GLU C 136 29.84 -8.18 -10.99
C GLU C 136 28.49 -8.79 -10.65
N LEU C 137 28.40 -9.38 -9.48
CA LEU C 137 27.15 -9.96 -9.01
C LEU C 137 26.06 -8.93 -8.99
N LYS C 138 26.42 -7.70 -8.63
CA LYS C 138 25.44 -6.62 -8.49
C LYS C 138 25.09 -6.00 -9.84
N ASP C 139 26.12 -5.51 -10.52
CA ASP C 139 25.98 -4.68 -11.71
C ASP C 139 25.85 -5.49 -13.02
N SER C 140 26.30 -6.75 -13.04
CA SER C 140 26.21 -7.54 -14.27
C SER C 140 25.21 -8.69 -14.17
N MET C 141 25.23 -9.40 -13.04
CA MET C 141 24.31 -10.51 -12.85
C MET C 141 22.99 -10.06 -12.21
N GLY C 142 23.02 -8.96 -11.45
CA GLY C 142 21.84 -8.54 -10.73
C GLY C 142 21.38 -9.65 -9.80
N ASP C 143 22.34 -10.31 -9.16
CA ASP C 143 22.06 -11.36 -8.19
C ASP C 143 22.31 -10.76 -6.80
N LEU C 144 21.26 -10.28 -6.15
CA LEU C 144 21.38 -9.54 -4.89
C LEU C 144 21.66 -10.46 -3.70
N TYR C 145 21.03 -11.64 -3.76
CA TYR C 145 21.23 -12.70 -2.80
C TYR C 145 22.71 -13.06 -2.61
N SER C 146 23.39 -13.54 -3.66
CA SER C 146 24.79 -13.92 -3.46
C SER C 146 25.67 -12.70 -3.24
N PHE C 147 25.25 -11.56 -3.79
CA PHE C 147 25.91 -10.29 -3.46
C PHE C 147 25.91 -10.10 -1.95
N SER C 148 24.75 -10.29 -1.31
CA SER C 148 24.66 -10.02 0.12
C SER C 148 25.56 -10.98 0.88
N ALA C 149 25.67 -12.21 0.39
CA ALA C 149 26.54 -13.21 1.00
C ALA C 149 28.00 -12.76 1.07
N LEU C 150 28.51 -12.17 -0.01
CA LEU C 150 29.90 -11.68 -0.02
C LEU C 150 30.07 -10.50 0.94
N MET C 151 29.15 -9.55 0.88
CA MET C 151 29.17 -8.42 1.79
C MET C 151 29.17 -8.88 3.25
N LYS C 152 28.36 -9.88 3.56
CA LYS C 152 28.30 -10.38 4.92
C LYS C 152 29.67 -10.90 5.34
N ALA C 153 30.33 -11.66 4.48
CA ALA C 153 31.70 -12.09 4.74
C ALA C 153 32.62 -10.90 5.10
N LEU C 154 32.63 -9.89 4.22
CA LEU C 154 33.48 -8.73 4.39
C LEU C 154 33.17 -7.93 5.65
N GLU C 155 32.01 -8.19 6.28
CA GLU C 155 31.64 -7.50 7.51
C GLU C 155 31.84 -8.36 8.76
N MET C 156 32.28 -9.60 8.62
CA MET C 156 32.54 -10.43 9.79
C MET C 156 33.64 -9.80 10.63
N PRO C 157 33.45 -9.80 11.96
CA PRO C 157 34.50 -9.22 12.81
C PRO C 157 35.85 -9.93 12.62
N GLN C 158 35.84 -11.22 12.27
CA GLN C 158 37.09 -11.90 12.07
C GLN C 158 37.82 -11.35 10.85
N ILE C 159 37.06 -10.70 9.98
CA ILE C 159 37.59 -10.13 8.76
C ILE C 159 37.84 -8.63 8.94
N THR C 160 36.88 -7.97 9.56
CA THR C 160 36.88 -6.53 9.64
C THR C 160 38.07 -6.04 10.47
N ARG C 161 38.51 -6.88 11.39
CA ARG C 161 39.60 -6.52 12.28
C ARG C 161 40.98 -6.75 11.67
N LEU C 162 41.02 -7.26 10.43
CA LEU C 162 42.28 -7.43 9.70
C LEU C 162 42.81 -6.08 9.17
N GLU C 163 43.11 -5.16 10.10
CA GLU C 163 43.57 -3.82 9.75
C GLU C 163 44.74 -3.80 8.76
N LYS C 164 45.78 -4.60 9.01
CA LYS C 164 46.90 -4.63 8.09
C LYS C 164 46.43 -4.99 6.68
N THR C 165 45.52 -5.96 6.58
CA THR C 165 45.03 -6.38 5.27
C THR C 165 44.26 -5.27 4.56
N TRP C 166 43.35 -4.61 5.28
CA TRP C 166 42.54 -3.53 4.70
C TRP C 166 43.39 -2.34 4.31
N THR C 167 44.37 -2.01 5.13
CA THR C 167 45.31 -0.94 4.82
C THR C 167 46.10 -1.28 3.55
N ALA C 168 46.54 -2.53 3.45
CA ALA C 168 47.15 -3.01 2.21
C ALA C 168 46.21 -2.81 1.02
N LEU C 169 44.93 -3.13 1.21
CA LEU C 169 43.92 -2.95 0.18
C LEU C 169 43.73 -1.49 -0.24
N ARG C 170 43.65 -0.60 0.74
CA ARG C 170 43.49 0.84 0.47
C ARG C 170 44.67 1.41 -0.34
N HIS C 171 45.84 0.79 -0.22
CA HIS C 171 47.03 1.34 -0.87
C HIS C 171 47.46 0.68 -2.19
N GLN C 172 47.06 -0.58 -2.41
CA GLN C 172 47.39 -1.31 -3.65
C GLN C 172 46.22 -1.33 -4.61
N TYR C 173 44.99 -1.38 -4.08
CA TYR C 173 43.80 -1.42 -4.91
C TYR C 173 42.84 -0.34 -4.46
N THR C 174 43.33 0.90 -4.51
CA THR C 174 42.56 2.05 -4.02
C THR C 174 41.17 2.18 -4.65
N GLN C 175 41.06 2.05 -5.97
CA GLN C 175 39.75 2.14 -6.59
C GLN C 175 38.78 1.07 -6.04
N THR C 176 39.24 -0.16 -5.89
CA THR C 176 38.35 -1.19 -5.40
C THR C 176 37.92 -0.88 -3.96
N ALA C 177 38.88 -0.43 -3.14
CA ALA C 177 38.61 -0.06 -1.76
C ALA C 177 37.56 1.06 -1.67
N ILE C 178 37.71 2.09 -2.51
CA ILE C 178 36.75 3.19 -2.49
C ILE C 178 35.36 2.72 -2.98
N LEU C 179 35.34 1.94 -4.04
CA LEU C 179 34.10 1.39 -4.55
C LEU C 179 33.34 0.62 -3.45
N TYR C 180 34.03 -0.28 -2.76
CA TYR C 180 33.45 -1.03 -1.65
C TYR C 180 32.86 -0.09 -0.61
N GLU C 181 33.66 0.87 -0.19
CA GLU C 181 33.29 1.73 0.93
C GLU C 181 32.20 2.75 0.56
N LYS C 182 32.25 3.28 -0.65
CA LYS C 182 31.33 4.35 -1.01
C LYS C 182 30.13 3.94 -1.87
N GLN C 183 30.25 2.83 -2.58
CA GLN C 183 29.17 2.34 -3.42
C GLN C 183 28.49 1.14 -2.78
N LEU C 184 29.28 0.11 -2.56
CA LEU C 184 28.78 -1.18 -2.14
C LEU C 184 28.08 -1.17 -0.78
N LYS C 185 28.75 -0.66 0.25
CA LYS C 185 28.18 -0.66 1.59
C LYS C 185 26.86 0.11 1.69
N PRO C 186 26.82 1.34 1.15
CA PRO C 186 25.56 2.10 1.23
C PRO C 186 24.43 1.38 0.48
N PHE C 187 24.74 0.79 -0.66
CA PHE C 187 23.78 0.00 -1.41
C PHE C 187 23.30 -1.20 -0.58
N SER C 188 24.23 -1.90 0.06
CA SER C 188 23.91 -3.00 0.95
C SER C 188 22.94 -2.59 2.06
N LYS C 189 23.13 -1.40 2.60
CA LYS C 189 22.26 -0.89 3.63
C LYS C 189 20.84 -0.67 3.10
N LEU C 190 20.72 0.00 1.95
CA LEU C 190 19.43 0.14 1.28
C LEU C 190 18.69 -1.19 1.12
N LEU C 191 19.41 -2.23 0.69
CA LEU C 191 18.76 -3.53 0.53
C LEU C 191 18.26 -4.04 1.86
N HIS C 192 19.05 -3.86 2.91
CA HIS C 192 18.69 -4.39 4.22
C HIS C 192 17.46 -3.65 4.76
N GLU C 193 17.26 -2.42 4.31
CA GLU C 193 16.07 -1.68 4.71
C GLU C 193 14.88 -2.02 3.83
N GLY C 194 15.04 -3.02 2.96
CA GLY C 194 13.97 -3.48 2.09
C GLY C 194 13.59 -2.51 0.97
N ARG C 195 14.58 -1.79 0.44
CA ARG C 195 14.35 -0.90 -0.70
C ARG C 195 14.88 -1.46 -2.03
N GLU C 196 15.08 -2.77 -2.14
CA GLU C 196 15.69 -3.31 -3.36
C GLU C 196 14.93 -2.95 -4.65
N SER C 197 13.62 -2.75 -4.52
CA SER C 197 12.79 -2.53 -5.69
C SER C 197 12.86 -1.10 -6.23
N THR C 198 13.43 -0.17 -5.46
CA THR C 198 13.57 1.21 -5.97
C THR C 198 15.03 1.65 -6.12
N CYS C 199 15.94 0.70 -6.10
CA CYS C 199 17.32 1.01 -6.46
C CYS C 199 17.94 -0.13 -7.27
N VAL C 200 17.39 -0.37 -8.45
CA VAL C 200 17.82 -1.53 -9.21
C VAL C 200 19.12 -1.23 -9.93
N PRO C 201 20.06 -2.19 -9.91
CA PRO C 201 21.38 -1.97 -10.53
C PRO C 201 21.25 -1.91 -12.06
N PRO C 202 22.33 -1.59 -12.77
CA PRO C 202 22.23 -1.31 -14.21
C PRO C 202 21.84 -2.49 -15.12
N ASN C 203 21.87 -3.73 -14.64
CA ASN C 203 21.42 -4.87 -15.46
C ASN C 203 20.11 -5.47 -14.94
N ASN C 204 19.38 -4.70 -14.13
CA ASN C 204 18.22 -5.18 -13.38
C ASN C 204 18.53 -6.31 -12.44
N VAL C 205 17.46 -6.95 -11.95
CA VAL C 205 17.56 -7.95 -10.92
C VAL C 205 17.17 -9.32 -11.46
N SER C 206 18.00 -10.32 -11.18
CA SER C 206 17.73 -11.69 -11.57
C SER C 206 17.39 -12.55 -10.34
N VAL C 207 18.05 -12.26 -9.21
CA VAL C 207 17.73 -12.89 -7.93
C VAL C 207 17.53 -11.80 -6.90
N PRO C 208 16.36 -11.75 -6.28
CA PRO C 208 16.16 -10.80 -5.18
C PRO C 208 17.07 -11.11 -4.00
N LEU C 209 17.17 -10.16 -3.08
CA LEU C 209 18.01 -10.26 -1.90
C LEU C 209 17.67 -11.48 -1.05
N LEU C 210 16.37 -11.67 -0.84
CA LEU C 210 15.79 -12.87 -0.24
C LEU C 210 16.01 -13.09 1.24
N MET C 211 17.25 -12.92 1.70
CA MET C 211 17.60 -13.35 3.07
C MET C 211 16.74 -12.75 4.21
N PRO C 212 16.61 -11.42 4.24
CA PRO C 212 15.80 -10.82 5.31
C PRO C 212 14.36 -11.30 5.31
N LEU C 213 13.74 -11.35 4.14
CA LEU C 213 12.39 -11.89 4.02
C LEU C 213 12.30 -13.31 4.57
N VAL C 214 13.22 -14.16 4.11
CA VAL C 214 13.17 -15.58 4.41
C VAL C 214 13.42 -15.83 5.88
N THR C 215 14.25 -14.99 6.47
CA THR C 215 14.67 -15.17 7.85
C THR C 215 13.59 -14.61 8.77
N LEU C 216 12.86 -13.62 8.25
CA LEU C 216 11.71 -13.10 8.94
C LEU C 216 10.59 -14.16 9.00
N MET C 217 10.38 -14.87 7.90
CA MET C 217 9.31 -15.87 7.85
C MET C 217 9.59 -17.13 8.69
N GLU C 218 10.86 -17.50 8.81
CA GLU C 218 11.26 -18.68 9.57
C GLU C 218 11.82 -18.30 10.94
N ARG C 219 10.98 -18.35 11.96
CA ARG C 219 11.36 -17.81 13.27
C ARG C 219 12.43 -18.64 13.98
N GLN C 220 12.58 -19.89 13.58
CA GLN C 220 13.66 -20.73 14.11
C GLN C 220 14.90 -20.79 13.21
N ALA C 221 15.00 -19.87 12.25
CA ALA C 221 16.17 -19.85 11.37
C ALA C 221 17.47 -19.64 12.14
N VAL C 222 18.47 -20.47 11.84
CA VAL C 222 19.81 -20.26 12.36
C VAL C 222 20.69 -19.69 11.27
N THR C 223 21.41 -18.61 11.58
CA THR C 223 22.39 -18.02 10.67
C THR C 223 23.78 -17.95 11.32
N PHE C 224 24.83 -17.90 10.49
CA PHE C 224 26.19 -17.73 10.99
C PHE C 224 26.38 -16.39 11.68
N GLU C 225 27.04 -16.40 12.83
CA GLU C 225 27.25 -15.19 13.63
C GLU C 225 25.98 -14.37 13.81
N GLY C 226 24.84 -15.03 13.65
CA GLY C 226 23.54 -14.49 14.03
C GLY C 226 23.06 -13.23 13.33
N THR C 227 23.42 -13.06 12.06
CA THR C 227 22.95 -11.93 11.27
C THR C 227 21.49 -12.11 10.80
N ASP C 228 20.90 -11.08 10.21
CA ASP C 228 19.48 -11.09 9.83
C ASP C 228 18.59 -11.62 10.95
N MET C 229 19.01 -11.41 12.20
CA MET C 229 18.23 -11.90 13.33
C MET C 229 17.27 -10.84 13.89
N TRP C 230 16.99 -9.81 13.10
CA TRP C 230 15.89 -8.90 13.40
C TRP C 230 15.86 -8.47 14.87
N GLU C 231 16.99 -8.00 15.36
CA GLU C 231 17.07 -7.48 16.71
C GLU C 231 17.32 -5.97 16.64
N LYS C 232 17.32 -5.30 17.79
CA LYS C 232 17.61 -3.87 17.83
C LYS C 232 16.88 -3.07 16.75
N ASN C 233 17.63 -2.39 15.91
CA ASN C 233 17.03 -1.42 14.99
C ASN C 233 16.38 -1.96 13.70
N ASP C 234 16.47 -3.27 13.48
CA ASP C 234 15.76 -3.91 12.37
C ASP C 234 14.32 -4.21 12.78
N GLN C 235 14.01 -4.00 14.05
CA GLN C 235 12.68 -4.25 14.59
C GLN C 235 11.80 -3.05 14.36
N SER C 236 11.56 -2.73 13.09
CA SER C 236 10.66 -1.63 12.74
C SER C 236 9.59 -2.11 11.74
N CYS C 237 8.32 -1.78 12.00
CA CYS C 237 7.27 -2.22 11.11
C CYS C 237 7.53 -1.71 9.71
N GLU C 238 7.99 -0.46 9.62
CA GLU C 238 8.41 0.12 8.37
C GLU C 238 9.31 -0.81 7.53
N ILE C 239 10.39 -1.33 8.12
CA ILE C 239 11.32 -2.14 7.35
C ILE C 239 10.70 -3.50 7.03
N MET C 240 10.01 -4.08 8.00
CA MET C 240 9.38 -5.36 7.77
C MET C 240 8.36 -5.26 6.62
N LEU C 241 7.62 -4.16 6.59
CA LEU C 241 6.58 -3.96 5.60
C LEU C 241 7.21 -3.80 4.22
N ASN C 242 8.36 -3.13 4.16
CA ASN C 242 9.08 -2.98 2.89
C ASN C 242 9.40 -4.36 2.30
N HIS C 243 9.87 -5.26 3.16
CA HIS C 243 10.25 -6.59 2.72
C HIS C 243 9.02 -7.43 2.33
N LEU C 244 7.95 -7.36 3.12
CA LEU C 244 6.73 -8.11 2.79
C LEU C 244 5.98 -7.58 1.57
N ALA C 245 5.85 -6.26 1.47
CA ALA C 245 5.24 -5.66 0.29
C ALA C 245 6.08 -6.01 -0.94
N THR C 246 7.40 -6.08 -0.77
CA THR C 246 8.26 -6.50 -1.86
C THR C 246 8.02 -7.98 -2.21
N ALA C 247 7.73 -8.80 -1.21
CA ALA C 247 7.52 -10.22 -1.48
C ALA C 247 6.22 -10.43 -2.23
N ARG C 248 5.21 -9.63 -1.93
CA ARG C 248 3.96 -9.77 -2.64
C ARG C 248 4.22 -9.46 -4.10
N PHE C 249 4.98 -8.39 -4.33
CA PHE C 249 5.30 -7.99 -5.70
C PHE C 249 6.11 -9.08 -6.41
N MET C 250 7.17 -9.53 -5.76
CA MET C 250 8.04 -10.58 -6.28
C MET C 250 7.24 -11.79 -6.78
N ALA C 251 6.33 -12.27 -5.94
CA ALA C 251 5.49 -13.40 -6.30
C ALA C 251 4.71 -13.10 -7.58
N GLU C 252 4.11 -11.91 -7.65
CA GLU C 252 3.22 -11.61 -8.78
C GLU C 252 4.04 -11.43 -10.04
N ALA C 253 5.30 -11.06 -9.86
CA ALA C 253 6.15 -10.70 -10.98
C ALA C 253 7.27 -11.70 -11.14
N ALA C 254 7.03 -12.93 -10.69
CA ALA C 254 8.09 -13.92 -10.62
C ALA C 254 8.73 -14.23 -11.98
N ASP C 255 8.00 -14.03 -13.07
CA ASP C 255 8.52 -14.39 -14.37
C ASP C 255 9.55 -13.39 -14.90
N SER C 256 9.45 -12.15 -14.40
CA SER C 256 10.36 -11.11 -14.83
C SER C 256 11.78 -11.37 -14.34
N TYR C 257 11.93 -11.94 -13.15
CA TYR C 257 13.27 -12.33 -12.68
C TYR C 257 13.83 -13.41 -13.59
N ARG C 258 12.97 -14.37 -13.92
CA ARG C 258 13.35 -15.45 -14.81
C ARG C 258 13.85 -14.89 -16.14
N MET C 259 13.09 -13.96 -16.72
CA MET C 259 13.43 -13.41 -18.02
C MET C 259 14.72 -12.62 -18.01
N ASN C 260 15.00 -11.99 -16.87
CA ASN C 260 16.22 -11.22 -16.72
C ASN C 260 17.43 -12.14 -16.68
N ALA C 261 17.30 -13.24 -15.95
CA ALA C 261 18.39 -14.20 -15.85
C ALA C 261 18.63 -14.95 -17.17
N GLU C 262 17.56 -15.23 -17.89
CA GLU C 262 17.71 -15.89 -19.18
C GLU C 262 18.46 -15.00 -20.15
N ARG C 263 18.13 -13.71 -20.12
CA ARG C 263 18.80 -12.74 -20.98
C ARG C 263 20.29 -12.68 -20.61
N ILE C 264 20.57 -12.59 -19.33
CA ILE C 264 21.95 -12.45 -18.87
C ILE C 264 22.76 -13.73 -19.08
N LEU C 265 22.10 -14.89 -19.01
CA LEU C 265 22.82 -16.15 -19.17
C LEU C 265 22.77 -16.77 -20.57
N ALA C 266 22.22 -16.06 -21.54
CA ALA C 266 22.08 -16.62 -22.89
C ALA C 266 23.44 -17.04 -23.44
N GLY C 267 23.53 -18.27 -23.91
CA GLY C 267 24.78 -18.77 -24.45
C GLY C 267 25.90 -18.85 -23.43
N PHE C 268 25.56 -18.92 -22.15
CA PHE C 268 26.57 -19.17 -21.12
C PHE C 268 26.95 -20.64 -21.09
N GLN C 269 28.25 -20.94 -21.10
CA GLN C 269 28.69 -22.34 -21.04
C GLN C 269 29.56 -22.60 -19.81
N PRO C 270 28.93 -23.12 -18.74
CA PRO C 270 29.65 -23.30 -17.47
C PRO C 270 30.83 -24.26 -17.60
N ASP C 271 31.86 -23.97 -16.81
CA ASP C 271 32.94 -24.90 -16.61
C ASP C 271 32.48 -25.89 -15.54
N GLU C 272 32.65 -27.17 -15.85
CA GLU C 272 32.23 -28.25 -14.94
C GLU C 272 32.75 -28.12 -13.52
N GLU C 273 34.04 -27.81 -13.37
CA GLU C 273 34.64 -27.81 -12.04
C GLU C 273 34.18 -26.59 -11.26
N MET C 274 34.07 -25.47 -11.96
CA MET C 274 33.69 -24.21 -11.35
C MET C 274 32.26 -24.36 -10.86
N ASN C 275 31.45 -24.99 -11.70
CA ASN C 275 30.08 -25.24 -11.37
C ASN C 275 29.93 -26.15 -10.15
N GLU C 276 30.74 -27.22 -10.06
CA GLU C 276 30.71 -28.09 -8.88
C GLU C 276 30.99 -27.33 -7.57
N ILE C 277 32.05 -26.54 -7.57
CA ILE C 277 32.42 -25.80 -6.39
C ILE C 277 31.35 -24.80 -5.97
N CYS C 278 30.46 -24.45 -6.91
CA CYS C 278 29.36 -23.54 -6.59
C CYS C 278 28.19 -24.24 -5.88
N LYS C 279 28.21 -25.57 -5.86
CA LYS C 279 27.14 -26.31 -5.20
C LYS C 279 27.31 -26.26 -3.68
N THR C 280 26.23 -25.94 -2.99
CA THR C 280 26.25 -25.87 -1.53
C THR C 280 26.74 -27.19 -0.92
N GLU C 281 26.40 -28.30 -1.56
CA GLU C 281 26.80 -29.63 -1.09
CA GLU C 281 26.80 -29.60 -1.05
C GLU C 281 28.32 -29.72 -1.10
N PHE C 282 28.91 -29.23 -2.18
CA PHE C 282 30.35 -29.23 -2.32
C PHE C 282 30.98 -28.31 -1.26
N GLN C 283 30.40 -27.13 -1.09
CA GLN C 283 30.89 -26.18 -0.08
C GLN C 283 30.82 -26.73 1.34
N MET C 284 29.74 -27.44 1.69
CA MET C 284 29.62 -28.02 3.03
C MET C 284 30.65 -29.10 3.30
N ARG C 285 31.00 -29.85 2.25
CA ARG C 285 31.97 -30.93 2.40
C ARG C 285 33.38 -30.37 2.54
N LEU C 286 33.69 -29.34 1.77
CA LEU C 286 34.95 -28.63 1.91
C LEU C 286 35.10 -28.13 3.33
N LEU C 287 34.04 -27.54 3.86
CA LEU C 287 34.13 -26.86 5.12
C LEU C 287 34.09 -27.78 6.33
N TRP C 288 33.17 -28.75 6.32
CA TRP C 288 32.96 -29.58 7.50
C TRP C 288 33.33 -31.05 7.34
N GLY C 289 33.82 -31.43 6.16
CA GLY C 289 34.26 -32.79 5.92
C GLY C 289 33.12 -33.78 5.75
N SER C 290 33.45 -34.96 5.24
CA SER C 290 32.44 -35.94 4.85
C SER C 290 31.62 -36.51 6.00
N LYS C 291 31.98 -36.20 7.23
CA LYS C 291 31.26 -36.76 8.36
C LYS C 291 30.53 -35.68 9.16
N GLY C 292 31.24 -34.59 9.42
CA GLY C 292 30.72 -33.49 10.23
C GLY C 292 29.79 -32.54 9.48
N ALA C 293 29.70 -32.71 8.16
CA ALA C 293 28.83 -31.87 7.36
C ALA C 293 27.36 -32.07 7.68
N GLN C 294 27.03 -33.15 8.40
CA GLN C 294 25.63 -33.42 8.75
C GLN C 294 25.29 -33.12 10.20
N VAL C 295 26.22 -32.50 10.92
CA VAL C 295 26.00 -32.03 12.29
C VAL C 295 25.05 -30.83 12.27
N ASN C 296 24.27 -30.66 13.32
CA ASN C 296 23.30 -29.57 13.34
C ASN C 296 23.95 -28.21 13.03
N GLN C 297 23.17 -27.31 12.43
CA GLN C 297 23.68 -26.01 11.98
C GLN C 297 24.36 -25.21 13.09
N THR C 298 23.74 -25.18 14.27
CA THR C 298 24.19 -24.27 15.32
C THR C 298 25.61 -24.62 15.71
N GLU C 299 25.86 -25.91 15.86
CA GLU C 299 27.17 -26.43 16.23
C GLU C 299 28.17 -26.31 15.08
N ARG C 300 27.67 -26.40 13.85
CA ARG C 300 28.51 -26.27 12.68
C ARG C 300 29.00 -24.83 12.53
N TYR C 301 28.13 -23.88 12.84
CA TYR C 301 28.46 -22.47 12.66
C TYR C 301 29.33 -21.95 13.78
N GLU C 302 29.02 -22.37 15.00
CA GLU C 302 29.84 -22.03 16.16
C GLU C 302 31.26 -22.55 15.95
N LYS C 303 31.38 -23.75 15.40
CA LYS C 303 32.67 -24.33 15.07
C LYS C 303 33.50 -23.38 14.20
N PHE C 304 32.85 -22.77 13.22
CA PHE C 304 33.58 -21.90 12.30
C PHE C 304 33.75 -20.49 12.83
N ASN C 305 32.85 -20.11 13.73
CA ASN C 305 33.01 -18.84 14.44
C ASN C 305 34.35 -18.90 15.16
N GLN C 306 34.59 -20.04 15.81
CA GLN C 306 35.84 -20.28 16.54
C GLN C 306 37.02 -20.52 15.61
N ILE C 307 36.83 -21.32 14.57
CA ILE C 307 37.92 -21.49 13.63
C ILE C 307 38.37 -20.16 13.05
N LEU C 308 37.44 -19.36 12.52
CA LEU C 308 37.78 -18.08 11.91
C LEU C 308 38.41 -17.09 12.88
N THR C 309 37.92 -17.07 14.12
CA THR C 309 38.50 -16.20 15.12
C THR C 309 39.96 -16.55 15.34
N ALA C 310 40.24 -17.84 15.47
CA ALA C 310 41.59 -18.31 15.72
C ALA C 310 42.50 -17.93 14.56
N LEU C 311 42.01 -18.17 13.35
CA LEU C 311 42.75 -17.83 12.13
C LEU C 311 43.04 -16.34 12.03
N SER C 312 42.07 -15.52 12.42
CA SER C 312 42.22 -14.08 12.32
C SER C 312 43.32 -13.62 13.28
N ARG C 313 43.33 -14.21 14.47
CA ARG C 313 44.29 -13.84 15.50
C ARG C 313 45.69 -14.36 15.21
N LYS C 314 45.78 -15.49 14.49
CA LYS C 314 47.09 -15.96 14.04
C LYS C 314 47.64 -15.03 12.96
N LEU C 315 46.86 -14.82 11.91
CA LEU C 315 47.20 -13.90 10.83
C LEU C 315 47.64 -12.52 11.28
N GLU C 316 46.93 -11.93 12.24
CA GLU C 316 47.24 -10.58 12.71
C GLU C 316 46.89 -10.42 14.17
N PRO C 317 47.80 -10.82 15.06
CA PRO C 317 47.49 -10.75 16.49
C PRO C 317 47.36 -9.30 16.95
N PRO C 318 46.80 -9.12 18.15
CA PRO C 318 46.66 -7.81 18.79
C PRO C 318 47.80 -7.52 19.76
N THR D 11 15.34 -8.20 26.69
CA THR D 11 15.06 -7.92 28.09
C THR D 11 13.95 -8.83 28.64
N VAL D 12 13.43 -8.50 29.81
CA VAL D 12 12.27 -9.20 30.38
C VAL D 12 11.12 -8.19 30.44
N SER D 13 9.94 -8.62 30.90
CA SER D 13 8.85 -7.66 31.07
C SER D 13 9.31 -6.57 32.04
N SER D 14 8.57 -5.45 32.06
CA SER D 14 8.85 -4.36 32.97
C SER D 14 8.04 -4.53 34.25
N PHE D 15 7.26 -5.61 34.31
CA PHE D 15 6.45 -5.90 35.48
C PHE D 15 7.36 -6.37 36.61
N ARG D 16 7.09 -5.92 37.83
CA ARG D 16 7.91 -6.30 38.98
C ARG D 16 7.03 -6.90 40.10
N PRO D 17 6.59 -8.16 39.93
CA PRO D 17 5.68 -8.81 40.87
C PRO D 17 6.21 -8.93 42.30
N ASN D 18 7.49 -9.26 42.47
CA ASN D 18 8.05 -9.42 43.80
C ASN D 18 8.03 -8.12 44.60
N GLU D 19 7.96 -7.00 43.89
CA GLU D 19 7.96 -5.68 44.51
C GLU D 19 6.59 -5.03 44.45
N PHE D 20 5.58 -5.82 44.07
CA PHE D 20 4.21 -5.30 43.91
C PHE D 20 3.43 -5.39 45.24
N GLU D 21 2.72 -4.32 45.58
CA GLU D 21 1.91 -4.29 46.81
C GLU D 21 0.43 -4.03 46.52
N SER D 22 -0.45 -4.70 47.26
CA SER D 22 -1.87 -4.52 47.05
C SER D 22 -2.65 -4.60 48.35
N LYS D 23 -3.62 -3.72 48.51
CA LYS D 23 -4.50 -3.79 49.67
C LYS D 23 -5.15 -5.18 49.72
N PHE D 24 -5.25 -5.82 48.55
CA PHE D 24 -5.96 -7.10 48.38
C PHE D 24 -5.06 -8.34 48.36
N LEU D 25 -3.75 -8.11 48.48
CA LEU D 25 -2.78 -9.18 48.41
C LEU D 25 -1.94 -9.28 49.68
N PRO D 26 -1.74 -10.50 50.19
CA PRO D 26 -0.81 -10.72 51.28
C PRO D 26 0.62 -10.46 50.81
N PRO D 27 1.36 -9.69 51.60
CA PRO D 27 2.78 -9.37 51.39
C PRO D 27 3.63 -10.61 51.09
N GLU D 28 3.51 -11.65 51.91
CA GLU D 28 4.10 -12.94 51.53
C GLU D 28 3.00 -13.69 50.83
N ASN D 29 3.35 -14.41 49.78
CA ASN D 29 2.33 -14.96 48.93
C ASN D 29 2.76 -16.32 48.43
N LYS D 30 1.93 -17.34 48.61
CA LYS D 30 2.25 -18.65 48.05
C LYS D 30 1.58 -18.80 46.70
N PRO D 31 2.14 -19.63 45.82
CA PRO D 31 1.49 -19.86 44.53
C PRO D 31 0.12 -20.50 44.69
N LEU D 32 -0.86 -19.96 43.98
CA LEU D 32 -2.20 -20.55 43.93
C LEU D 32 -2.80 -20.68 45.34
N GLU D 33 -2.45 -19.76 46.23
CA GLU D 33 -3.02 -19.79 47.57
C GLU D 33 -4.53 -19.95 47.45
N THR D 34 -5.00 -21.08 47.96
CA THR D 34 -6.38 -21.46 47.88
C THR D 34 -7.33 -20.30 48.27
N ALA D 35 -7.05 -19.64 49.39
CA ALA D 35 -7.88 -18.52 49.83
C ALA D 35 -7.91 -17.39 48.80
N LEU D 36 -6.76 -17.00 48.29
CA LEU D 36 -6.71 -15.94 47.27
C LEU D 36 -7.52 -16.29 46.03
N LEU D 37 -7.42 -17.53 45.57
CA LEU D 37 -8.23 -17.99 44.45
C LEU D 37 -9.74 -17.96 44.76
N LYS D 38 -10.11 -18.41 45.95
CA LYS D 38 -11.52 -18.35 46.36
C LYS D 38 -12.03 -16.91 46.23
N ARG D 39 -11.22 -15.97 46.71
CA ARG D 39 -11.56 -14.55 46.66
C ARG D 39 -11.69 -14.03 45.24
N ALA D 40 -10.78 -14.44 44.35
CA ALA D 40 -10.85 -13.98 42.97
C ALA D 40 -12.06 -14.58 42.25
N LYS D 41 -12.33 -15.85 42.50
CA LYS D 41 -13.48 -16.52 41.92
C LYS D 41 -14.79 -15.84 42.34
N GLU D 42 -14.93 -15.54 43.62
CA GLU D 42 -16.11 -14.84 44.10
C GLU D 42 -16.29 -13.43 43.48
N LEU D 43 -15.18 -12.76 43.22
CA LEU D 43 -15.19 -11.48 42.54
C LEU D 43 -15.83 -11.61 41.15
N PHE D 44 -15.40 -12.61 40.40
CA PHE D 44 -15.91 -12.83 39.04
C PHE D 44 -17.34 -13.34 39.08
N THR D 45 -17.70 -14.04 40.14
CA THR D 45 -19.05 -14.55 40.30
C THR D 45 -20.04 -13.43 40.60
N ASN D 46 -19.64 -12.49 41.46
CA ASN D 46 -20.53 -11.43 41.90
C ASN D 46 -20.70 -10.31 40.89
N ASN D 47 -19.95 -10.38 39.80
CA ASN D 47 -20.00 -9.32 38.80
C ASN D 47 -20.48 -9.79 37.43
N ASP D 48 -21.21 -8.94 36.72
CA ASP D 48 -21.73 -9.30 35.41
C ASP D 48 -20.68 -9.09 34.31
N PRO D 49 -20.81 -9.84 33.20
CA PRO D 49 -19.82 -9.85 32.12
C PRO D 49 -19.39 -8.46 31.66
N LYS D 50 -20.33 -7.53 31.48
CA LYS D 50 -19.95 -6.19 31.01
C LYS D 50 -19.02 -5.44 31.98
N VAL D 51 -19.31 -5.51 33.28
CA VAL D 51 -18.46 -4.86 34.28
C VAL D 51 -17.05 -5.46 34.29
N ILE D 52 -16.94 -6.77 34.23
CA ILE D 52 -15.64 -7.40 34.07
C ILE D 52 -14.97 -6.87 32.80
N ALA D 53 -15.70 -6.83 31.70
CA ALA D 53 -15.14 -6.33 30.43
C ALA D 53 -14.70 -4.85 30.46
N GLN D 54 -15.42 -4.01 31.19
CA GLN D 54 -15.02 -2.60 31.33
C GLN D 54 -13.67 -2.49 32.04
N HIS D 55 -13.50 -3.27 33.10
CA HIS D 55 -12.25 -3.27 33.85
C HIS D 55 -11.08 -3.79 33.01
N VAL D 56 -11.30 -4.86 32.25
CA VAL D 56 -10.26 -5.39 31.38
C VAL D 56 -9.88 -4.38 30.29
N LEU D 57 -10.88 -3.77 29.65
CA LEU D 57 -10.61 -2.68 28.71
C LEU D 57 -9.78 -1.56 29.33
N SER D 58 -10.14 -1.14 30.53
CA SER D 58 -9.43 -0.02 31.14
C SER D 58 -7.96 -0.36 31.45
N MET D 59 -7.71 -1.55 31.99
CA MET D 59 -6.34 -1.95 32.27
C MET D 59 -5.53 -2.09 30.96
N ASP D 60 -6.12 -2.69 29.94
CA ASP D 60 -5.44 -2.81 28.65
C ASP D 60 -5.04 -1.47 28.11
N CYS D 61 -5.95 -0.49 28.17
CA CYS D 61 -5.63 0.83 27.65
C CYS D 61 -4.49 1.49 28.41
N ARG D 62 -4.34 1.16 29.68
CA ARG D 62 -3.26 1.73 30.47
C ARG D 62 -1.91 1.05 30.16
N VAL D 63 -1.91 -0.27 30.07
CA VAL D 63 -0.69 -1.01 29.74
C VAL D 63 -0.18 -0.65 28.33
N ALA D 64 -1.11 -0.55 27.38
CA ALA D 64 -0.80 -0.25 25.99
C ALA D 64 -0.57 1.26 25.77
N ARG D 65 -0.76 2.04 26.82
CA ARG D 65 -0.63 3.50 26.77
C ARG D 65 -1.55 4.13 25.73
N ILE D 66 -2.81 3.72 25.75
CA ILE D 66 -3.83 4.31 24.92
C ILE D 66 -4.49 5.39 25.75
N LEU D 67 -4.70 5.07 27.03
CA LEU D 67 -5.29 6.01 27.99
C LEU D 67 -4.38 6.18 29.20
N GLY D 68 -4.62 7.25 29.97
CA GLY D 68 -3.92 7.44 31.23
C GLY D 68 -2.44 7.70 31.04
N VAL D 69 -2.09 8.17 29.85
CA VAL D 69 -0.74 8.59 29.56
C VAL D 69 -0.51 9.97 30.19
N SER D 70 0.41 10.03 31.14
CA SER D 70 0.78 11.29 31.80
C SER D 70 1.52 12.22 30.83
N GLU D 71 1.69 13.47 31.22
CA GLU D 71 2.41 14.41 30.36
C GLU D 71 3.91 14.11 30.37
N GLU D 72 4.44 13.74 31.53
CA GLU D 72 5.81 13.24 31.60
C GLU D 72 5.97 12.13 30.57
N MET D 73 5.07 11.15 30.63
CA MET D 73 5.16 9.99 29.75
C MET D 73 5.13 10.40 28.28
N ARG D 74 4.25 11.34 27.93
CA ARG D 74 4.15 11.74 26.54
C ARG D 74 5.43 12.40 26.04
N ARG D 75 5.99 13.30 26.86
CA ARG D 75 7.24 13.99 26.51
C ARG D 75 8.38 12.98 26.31
N ASN D 76 8.53 12.08 27.28
CA ASN D 76 9.56 11.06 27.21
C ASN D 76 9.31 10.03 26.13
N MET D 77 8.06 9.88 25.72
CA MET D 77 7.78 8.97 24.62
C MET D 77 8.07 9.73 23.33
N GLY D 78 7.57 10.95 23.24
CA GLY D 78 7.63 11.72 22.01
C GLY D 78 6.52 11.29 21.04
N VAL D 79 5.62 10.45 21.53
CA VAL D 79 4.40 10.09 20.79
C VAL D 79 3.27 9.98 21.80
N SER D 80 2.05 10.22 21.34
CA SER D 80 0.89 10.23 22.23
C SER D 80 0.39 8.82 22.57
N SER D 81 0.78 7.83 21.78
CA SER D 81 0.23 6.51 21.98
C SER D 81 1.30 5.43 21.95
N GLY D 82 1.22 4.49 22.88
CA GLY D 82 2.01 3.27 22.81
C GLY D 82 1.79 2.48 21.52
N LEU D 83 0.59 2.57 20.95
CA LEU D 83 0.30 1.86 19.72
C LEU D 83 1.25 2.37 18.64
N GLU D 84 1.72 3.60 18.78
CA GLU D 84 2.68 4.08 17.81
C GLU D 84 4.09 3.63 18.16
N LEU D 85 4.43 3.67 19.43
CA LEU D 85 5.73 3.20 19.90
C LEU D 85 5.99 1.72 19.58
N ILE D 86 4.98 0.86 19.68
CA ILE D 86 5.21 -0.55 19.39
C ILE D 86 5.64 -0.88 17.92
N THR D 87 5.40 0.03 16.98
CA THR D 87 5.83 -0.18 15.59
C THR D 87 7.26 0.29 15.31
N LEU D 88 7.93 0.81 16.34
CA LEU D 88 9.33 1.25 16.25
C LEU D 88 10.21 0.32 17.08
N PRO D 89 11.52 0.34 16.83
CA PRO D 89 12.46 -0.49 17.61
C PRO D 89 12.33 -0.23 19.09
N HIS D 90 12.17 1.04 19.43
CA HIS D 90 12.12 1.47 20.81
C HIS D 90 10.93 0.94 21.59
N GLY D 91 9.94 0.40 20.89
CA GLY D 91 8.80 -0.25 21.52
C GLY D 91 9.12 -1.65 22.00
N HIS D 92 10.40 -2.00 22.02
CA HIS D 92 10.79 -3.38 22.33
C HIS D 92 10.27 -3.82 23.71
N GLN D 93 10.51 -2.98 24.72
CA GLN D 93 10.06 -3.23 26.08
C GLN D 93 8.53 -3.36 26.16
N LEU D 94 7.85 -2.39 25.55
CA LEU D 94 6.39 -2.38 25.53
C LEU D 94 5.88 -3.67 24.89
N ARG D 95 6.48 -4.08 23.78
CA ARG D 95 6.09 -5.31 23.12
C ARG D 95 6.19 -6.52 24.06
N LEU D 96 7.29 -6.59 24.81
CA LEU D 96 7.49 -7.69 25.77
C LEU D 96 6.47 -7.67 26.90
N ASP D 97 6.12 -6.47 27.38
CA ASP D 97 5.07 -6.35 28.41
C ASP D 97 3.71 -6.78 27.90
N ILE D 98 3.43 -6.46 26.65
CA ILE D 98 2.17 -6.86 26.03
C ILE D 98 2.07 -8.36 25.86
N ILE D 99 3.20 -8.99 25.59
CA ILE D 99 3.21 -10.43 25.43
C ILE D 99 3.05 -11.11 26.78
N GLU D 100 3.78 -10.59 27.77
CA GLU D 100 3.73 -11.15 29.12
C GLU D 100 2.31 -11.07 29.68
N ARG D 101 1.62 -9.96 29.41
CA ARG D 101 0.28 -9.77 29.98
C ARG D 101 -0.72 -10.72 29.33
N HIS D 102 -0.59 -10.87 28.03
CA HIS D 102 -1.43 -11.80 27.28
C HIS D 102 -1.28 -13.23 27.78
N ASN D 103 -0.05 -13.74 27.82
CA ASN D 103 0.20 -15.07 28.34
C ASN D 103 -0.40 -15.29 29.72
N THR D 104 -0.14 -14.36 30.62
CA THR D 104 -0.54 -14.50 32.01
C THR D 104 -2.05 -14.52 32.11
N MET D 105 -2.72 -13.65 31.36
CA MET D 105 -4.18 -13.59 31.39
C MET D 105 -4.78 -14.90 30.86
N ALA D 106 -4.22 -15.44 29.78
CA ALA D 106 -4.72 -16.69 29.25
C ALA D 106 -4.47 -17.84 30.22
N ILE D 107 -3.35 -17.82 30.93
CA ILE D 107 -3.08 -18.86 31.93
C ILE D 107 -4.09 -18.75 33.09
N GLY D 108 -4.32 -17.53 33.58
CA GLY D 108 -5.30 -17.27 34.60
C GLY D 108 -6.67 -17.83 34.25
N ILE D 109 -7.19 -17.48 33.07
CA ILE D 109 -8.48 -17.99 32.64
C ILE D 109 -8.56 -19.52 32.69
N ALA D 110 -7.47 -20.19 32.31
CA ALA D 110 -7.47 -21.65 32.30
C ALA D 110 -7.59 -22.18 33.72
N VAL D 111 -6.86 -21.55 34.64
CA VAL D 111 -6.88 -21.90 36.05
C VAL D 111 -8.27 -21.72 36.65
N ASP D 112 -9.01 -20.75 36.12
CA ASP D 112 -10.36 -20.45 36.59
C ASP D 112 -11.33 -21.61 36.33
N ILE D 113 -11.09 -22.33 35.24
CA ILE D 113 -11.91 -23.48 34.86
C ILE D 113 -11.35 -24.73 35.49
N LEU D 114 -10.04 -24.91 35.35
CA LEU D 114 -9.36 -26.12 35.80
C LEU D 114 -9.07 -26.15 37.29
N GLY D 115 -9.31 -25.03 37.97
CA GLY D 115 -9.02 -24.93 39.39
C GLY D 115 -10.19 -24.50 40.24
N CYS D 116 -10.52 -23.20 40.20
CA CYS D 116 -11.51 -22.57 41.07
C CYS D 116 -12.94 -23.06 40.88
N THR D 117 -13.14 -24.37 40.85
CA THR D 117 -14.45 -24.94 40.56
C THR D 117 -14.79 -26.13 41.45
N GLY D 118 -16.09 -26.33 41.67
CA GLY D 118 -16.59 -27.45 42.45
C GLY D 118 -17.24 -28.49 41.54
N THR D 119 -18.45 -28.20 41.08
CA THR D 119 -19.24 -29.17 40.33
C THR D 119 -18.97 -29.15 38.83
N LEU D 120 -19.26 -30.26 38.16
CA LEU D 120 -19.26 -30.26 36.71
C LEU D 120 -20.18 -29.14 36.27
N GLU D 121 -21.30 -29.00 36.97
CA GLU D 121 -22.27 -27.93 36.71
C GLU D 121 -21.64 -26.53 36.86
N ASP D 122 -20.87 -26.33 37.91
CA ASP D 122 -20.27 -25.02 38.15
CA ASP D 122 -20.24 -25.03 38.17
C ASP D 122 -19.19 -24.73 37.12
N ARG D 123 -18.61 -25.78 36.56
CA ARG D 123 -17.57 -25.62 35.54
C ARG D 123 -18.19 -25.16 34.23
N ALA D 124 -19.32 -25.74 33.87
CA ALA D 124 -20.06 -25.26 32.70
C ALA D 124 -20.47 -23.81 32.95
N ALA D 125 -21.01 -23.55 34.14
CA ALA D 125 -21.39 -22.19 34.52
C ALA D 125 -20.23 -21.21 34.29
N THR D 126 -19.03 -21.61 34.71
CA THR D 126 -17.84 -20.78 34.56
C THR D 126 -17.46 -20.57 33.10
N LEU D 127 -17.43 -21.68 32.35
CA LEU D 127 -17.12 -21.65 30.93
C LEU D 127 -18.08 -20.70 30.23
N SER D 128 -19.34 -20.74 30.65
CA SER D 128 -20.35 -19.86 30.08
C SER D 128 -20.05 -18.38 30.37
N LYS D 129 -19.59 -18.07 31.58
CA LYS D 129 -19.36 -16.66 31.91
C LYS D 129 -18.17 -16.13 31.13
N ILE D 130 -17.15 -16.96 30.98
CA ILE D 130 -16.00 -16.62 30.15
C ILE D 130 -16.43 -16.26 28.73
N ILE D 131 -17.28 -17.08 28.13
CA ILE D 131 -17.75 -16.76 26.79
C ILE D 131 -18.55 -15.45 26.77
N GLN D 132 -19.32 -15.20 27.83
CA GLN D 132 -20.09 -13.97 27.92
C GLN D 132 -19.20 -12.74 28.00
N VAL D 133 -18.19 -12.81 28.88
CA VAL D 133 -17.21 -11.74 29.00
C VAL D 133 -16.49 -11.46 27.67
N ALA D 134 -16.16 -12.53 26.95
CA ALA D 134 -15.52 -12.41 25.65
C ALA D 134 -16.43 -11.77 24.60
N VAL D 135 -17.72 -12.08 24.62
CA VAL D 135 -18.68 -11.40 23.75
C VAL D 135 -18.68 -9.91 24.07
N GLU D 136 -18.64 -9.58 25.36
CA GLU D 136 -18.58 -8.19 25.80
C GLU D 136 -17.32 -7.44 25.34
N LEU D 137 -16.16 -8.08 25.46
CA LEU D 137 -14.91 -7.50 24.97
C LEU D 137 -14.97 -7.18 23.49
N LYS D 138 -15.50 -8.10 22.69
CA LYS D 138 -15.63 -7.89 21.24
C LYS D 138 -16.66 -6.80 20.91
N ASP D 139 -17.91 -7.05 21.30
CA ASP D 139 -19.04 -6.23 20.87
C ASP D 139 -19.31 -4.94 21.67
N SER D 140 -18.89 -4.87 22.94
CA SER D 140 -19.14 -3.64 23.71
C SER D 140 -17.88 -2.79 23.88
N MET D 141 -16.78 -3.42 24.28
CA MET D 141 -15.52 -2.73 24.54
C MET D 141 -14.63 -2.55 23.31
N GLY D 142 -14.84 -3.38 22.29
CA GLY D 142 -13.94 -3.40 21.14
C GLY D 142 -12.49 -3.61 21.53
N ASP D 143 -12.25 -4.52 22.47
CA ASP D 143 -10.93 -4.84 22.97
C ASP D 143 -10.51 -6.20 22.38
N LEU D 144 -9.88 -6.19 21.21
CA LEU D 144 -9.56 -7.43 20.52
C LEU D 144 -8.38 -8.16 21.18
N TYR D 145 -7.50 -7.41 21.82
CA TYR D 145 -6.36 -8.01 22.52
C TYR D 145 -6.80 -8.99 23.62
N SER D 146 -7.56 -8.51 24.60
CA SER D 146 -8.08 -9.40 25.64
C SER D 146 -9.16 -10.39 25.16
N PHE D 147 -9.91 -10.02 24.13
CA PHE D 147 -10.75 -10.99 23.45
C PHE D 147 -9.94 -12.21 23.00
N SER D 148 -8.79 -12.00 22.35
CA SER D 148 -7.99 -13.13 21.90
C SER D 148 -7.41 -13.97 23.06
N ALA D 149 -7.08 -13.31 24.17
CA ALA D 149 -6.60 -14.00 25.37
C ALA D 149 -7.62 -15.01 25.90
N LEU D 150 -8.88 -14.60 26.05
CA LEU D 150 -9.93 -15.51 26.48
C LEU D 150 -10.11 -16.66 25.48
N MET D 151 -10.17 -16.34 24.19
CA MET D 151 -10.25 -17.35 23.13
C MET D 151 -9.09 -18.33 23.15
N LYS D 152 -7.91 -17.84 23.51
CA LYS D 152 -6.73 -18.70 23.59
C LYS D 152 -6.89 -19.74 24.69
N ALA D 153 -7.53 -19.36 25.79
CA ALA D 153 -7.75 -20.26 26.91
C ALA D 153 -8.79 -21.35 26.61
N LEU D 154 -9.92 -20.97 26.02
CA LEU D 154 -10.90 -21.94 25.56
C LEU D 154 -10.35 -22.93 24.52
N GLU D 155 -9.22 -22.58 23.89
CA GLU D 155 -8.67 -23.41 22.82
C GLU D 155 -7.54 -24.27 23.34
N MET D 156 -7.05 -23.96 24.54
CA MET D 156 -5.97 -24.75 25.11
C MET D 156 -6.29 -26.24 25.15
N PRO D 157 -5.27 -27.08 24.91
CA PRO D 157 -5.47 -28.54 24.93
C PRO D 157 -6.02 -29.05 26.26
N GLN D 158 -5.50 -28.52 27.38
CA GLN D 158 -5.98 -28.94 28.70
C GLN D 158 -7.46 -28.63 28.88
N ILE D 159 -7.97 -27.68 28.10
CA ILE D 159 -9.36 -27.25 28.23
C ILE D 159 -10.30 -27.89 27.22
N THR D 160 -9.84 -28.09 25.99
CA THR D 160 -10.71 -28.68 24.95
C THR D 160 -11.12 -30.13 25.25
N ARG D 161 -10.26 -30.86 25.96
CA ARG D 161 -10.57 -32.25 26.28
C ARG D 161 -11.58 -32.41 27.41
N LEU D 162 -11.97 -31.30 28.04
CA LEU D 162 -13.01 -31.34 29.07
C LEU D 162 -14.40 -31.61 28.47
N GLU D 163 -14.53 -32.76 27.82
CA GLU D 163 -15.72 -33.13 27.07
C GLU D 163 -16.99 -33.13 27.91
N LYS D 164 -16.90 -33.58 29.16
CA LYS D 164 -18.08 -33.59 30.00
C LYS D 164 -18.49 -32.14 30.32
N THR D 165 -17.50 -31.29 30.58
CA THR D 165 -17.78 -29.86 30.80
C THR D 165 -18.41 -29.22 29.54
N TRP D 166 -17.73 -29.35 28.40
CA TRP D 166 -18.22 -28.79 27.13
C TRP D 166 -19.60 -29.32 26.76
N THR D 167 -19.88 -30.55 27.18
CA THR D 167 -21.15 -31.19 26.88
C THR D 167 -22.21 -30.64 27.81
N ALA D 168 -21.82 -30.42 29.07
CA ALA D 168 -22.68 -29.73 30.02
C ALA D 168 -23.05 -28.33 29.51
N LEU D 169 -22.07 -27.60 28.98
CA LEU D 169 -22.31 -26.27 28.41
C LEU D 169 -23.33 -26.35 27.28
N ARG D 170 -23.10 -27.29 26.35
CA ARG D 170 -23.97 -27.46 25.21
C ARG D 170 -25.41 -27.64 25.68
N HIS D 171 -25.58 -28.46 26.71
CA HIS D 171 -26.92 -28.83 27.18
C HIS D 171 -27.67 -27.75 27.97
N GLN D 172 -26.93 -26.94 28.73
CA GLN D 172 -27.53 -25.99 29.67
C GLN D 172 -27.35 -24.52 29.28
N TYR D 173 -26.28 -24.22 28.54
CA TYR D 173 -26.03 -22.87 28.08
C TYR D 173 -25.91 -22.92 26.54
N THR D 174 -26.88 -23.58 25.94
CA THR D 174 -26.91 -23.82 24.51
C THR D 174 -26.67 -22.59 23.63
N GLN D 175 -27.22 -21.45 24.02
CA GLN D 175 -27.08 -20.21 23.26
C GLN D 175 -25.64 -19.73 23.30
N THR D 176 -25.01 -19.84 24.47
CA THR D 176 -23.64 -19.41 24.63
C THR D 176 -22.69 -20.34 23.88
N ALA D 177 -22.97 -21.64 23.93
CA ALA D 177 -22.13 -22.63 23.25
C ALA D 177 -22.15 -22.46 21.73
N ILE D 178 -23.26 -21.95 21.20
CA ILE D 178 -23.38 -21.79 19.75
C ILE D 178 -22.78 -20.47 19.32
N LEU D 179 -23.00 -19.45 20.14
CA LEU D 179 -22.40 -18.15 19.93
C LEU D 179 -20.89 -18.31 19.82
N TYR D 180 -20.34 -19.12 20.71
CA TYR D 180 -18.91 -19.31 20.73
C TYR D 180 -18.45 -20.02 19.48
N GLU D 181 -19.20 -21.06 19.08
CA GLU D 181 -18.82 -21.86 17.91
C GLU D 181 -18.97 -21.16 16.56
N LYS D 182 -20.09 -20.46 16.35
CA LYS D 182 -20.44 -19.97 15.02
C LYS D 182 -20.21 -18.46 14.81
N GLN D 183 -20.04 -17.72 15.90
CA GLN D 183 -19.83 -16.29 15.81
C GLN D 183 -18.40 -15.97 16.19
N LEU D 184 -18.05 -16.34 17.42
CA LEU D 184 -16.79 -16.02 18.05
C LEU D 184 -15.61 -16.70 17.39
N LYS D 185 -15.69 -18.02 17.21
CA LYS D 185 -14.59 -18.77 16.62
C LYS D 185 -14.16 -18.29 15.21
N PRO D 186 -15.12 -18.12 14.29
CA PRO D 186 -14.73 -17.58 12.99
C PRO D 186 -14.20 -16.15 13.03
N PHE D 187 -14.70 -15.31 13.94
CA PHE D 187 -14.18 -13.96 14.10
C PHE D 187 -12.70 -14.01 14.54
N SER D 188 -12.41 -14.92 15.47
CA SER D 188 -11.05 -15.14 15.96
C SER D 188 -10.10 -15.51 14.80
N LYS D 189 -10.63 -16.27 13.84
CA LYS D 189 -9.89 -16.72 12.67
C LYS D 189 -9.64 -15.57 11.68
N LEU D 190 -10.63 -14.70 11.49
CA LEU D 190 -10.44 -13.47 10.70
C LEU D 190 -9.39 -12.55 11.31
N LEU D 191 -9.46 -12.33 12.62
CA LEU D 191 -8.46 -11.53 13.30
C LEU D 191 -7.05 -12.07 13.07
N HIS D 192 -6.93 -13.39 13.21
CA HIS D 192 -5.63 -14.03 13.19
C HIS D 192 -5.06 -13.98 11.76
N GLU D 193 -5.95 -13.87 10.78
CA GLU D 193 -5.54 -13.74 9.39
C GLU D 193 -5.16 -12.29 9.06
N GLY D 194 -5.25 -11.40 10.05
CA GLY D 194 -4.83 -10.03 9.87
C GLY D 194 -5.88 -9.16 9.20
N ARG D 195 -7.15 -9.53 9.41
CA ARG D 195 -8.29 -8.82 8.83
C ARG D 195 -8.98 -7.85 9.78
N GLU D 196 -8.42 -7.61 10.96
CA GLU D 196 -9.14 -6.84 11.99
C GLU D 196 -9.61 -5.45 11.52
N SER D 197 -9.00 -4.93 10.46
CA SER D 197 -9.25 -3.55 10.05
C SER D 197 -10.56 -3.42 9.28
N THR D 198 -11.06 -4.57 8.83
CA THR D 198 -12.10 -4.62 7.82
C THR D 198 -13.35 -5.35 8.30
N CYS D 199 -13.38 -5.70 9.57
CA CYS D 199 -14.55 -6.39 10.09
C CYS D 199 -14.83 -5.92 11.50
N VAL D 200 -15.08 -4.63 11.66
CA VAL D 200 -15.12 -4.09 13.02
C VAL D 200 -16.38 -4.50 13.79
N PRO D 201 -16.23 -4.72 15.09
CA PRO D 201 -17.36 -5.11 15.92
C PRO D 201 -18.31 -3.94 15.95
N PRO D 202 -19.48 -4.13 16.53
CA PRO D 202 -20.55 -3.11 16.48
C PRO D 202 -20.25 -1.83 17.29
N ASN D 203 -19.27 -1.86 18.19
CA ASN D 203 -18.86 -0.64 18.90
C ASN D 203 -17.49 -0.13 18.47
N ASN D 204 -17.02 -0.65 17.32
CA ASN D 204 -15.70 -0.34 16.79
C ASN D 204 -14.54 -0.85 17.67
N VAL D 205 -13.34 -0.33 17.43
CA VAL D 205 -12.14 -0.87 18.08
C VAL D 205 -11.38 0.07 19.03
N SER D 206 -11.06 -0.43 20.22
CA SER D 206 -10.42 0.37 21.25
C SER D 206 -9.00 -0.12 21.45
N VAL D 207 -8.83 -1.43 21.42
CA VAL D 207 -7.52 -2.04 21.55
C VAL D 207 -7.38 -3.03 20.43
N PRO D 208 -6.44 -2.79 19.53
CA PRO D 208 -6.22 -3.74 18.46
C PRO D 208 -5.79 -5.11 18.98
N LEU D 209 -5.76 -6.10 18.09
CA LEU D 209 -5.37 -7.48 18.40
C LEU D 209 -3.97 -7.58 18.98
N LEU D 210 -3.02 -6.90 18.31
CA LEU D 210 -1.64 -6.71 18.79
C LEU D 210 -0.75 -7.94 18.74
N MET D 211 -1.27 -9.05 19.25
CA MET D 211 -0.49 -10.24 19.54
C MET D 211 0.30 -10.82 18.35
N PRO D 212 -0.37 -11.06 17.19
CA PRO D 212 0.42 -11.56 16.06
C PRO D 212 1.50 -10.58 15.57
N LEU D 213 1.19 -9.29 15.47
CA LEU D 213 2.18 -8.26 15.14
C LEU D 213 3.40 -8.33 16.06
N VAL D 214 3.11 -8.29 17.35
CA VAL D 214 4.13 -8.23 18.40
C VAL D 214 5.08 -9.45 18.42
N THR D 215 4.54 -10.65 18.21
CA THR D 215 5.40 -11.85 18.21
C THR D 215 6.13 -11.94 16.89
N LEU D 216 5.55 -11.36 15.85
CA LEU D 216 6.24 -11.31 14.57
C LEU D 216 7.50 -10.47 14.70
N MET D 217 7.41 -9.37 15.44
CA MET D 217 8.54 -8.47 15.61
C MET D 217 9.55 -9.00 16.62
N GLU D 218 9.11 -9.88 17.51
CA GLU D 218 9.96 -10.36 18.61
C GLU D 218 10.29 -11.86 18.50
N ARG D 219 11.33 -12.17 17.73
CA ARG D 219 11.68 -13.57 17.41
C ARG D 219 12.09 -14.37 18.66
N GLN D 220 12.47 -13.67 19.73
CA GLN D 220 12.86 -14.33 20.97
C GLN D 220 11.71 -14.41 21.97
N ALA D 221 10.51 -14.00 21.54
CA ALA D 221 9.33 -14.00 22.40
C ALA D 221 8.95 -15.39 22.88
N VAL D 222 8.68 -15.50 24.17
CA VAL D 222 8.20 -16.76 24.73
C VAL D 222 6.70 -16.66 25.02
N THR D 223 5.92 -17.54 24.41
CA THR D 223 4.48 -17.63 24.69
C THR D 223 4.12 -18.94 25.37
N PHE D 224 3.05 -18.93 26.13
CA PHE D 224 2.55 -20.14 26.78
C PHE D 224 2.04 -21.13 25.73
N GLU D 225 2.56 -22.35 25.77
CA GLU D 225 2.19 -23.39 24.81
C GLU D 225 2.49 -23.04 23.35
N GLY D 226 3.52 -22.23 23.15
CA GLY D 226 4.06 -21.93 21.83
C GLY D 226 3.07 -21.40 20.80
N THR D 227 2.07 -20.66 21.26
CA THR D 227 1.09 -20.06 20.37
C THR D 227 1.66 -18.81 19.72
N ASP D 228 1.10 -18.39 18.59
CA ASP D 228 1.60 -17.22 17.85
C ASP D 228 3.08 -17.38 17.50
N MET D 229 3.54 -18.61 17.33
CA MET D 229 4.94 -18.86 16.95
C MET D 229 5.11 -19.01 15.44
N TRP D 230 4.10 -18.58 14.69
CA TRP D 230 4.23 -18.43 13.26
C TRP D 230 4.85 -19.65 12.56
N GLU D 231 4.36 -20.84 12.92
CA GLU D 231 4.76 -22.07 12.24
C GLU D 231 3.67 -22.50 11.26
N LYS D 232 3.97 -23.53 10.47
CA LYS D 232 2.95 -24.12 9.60
C LYS D 232 2.26 -23.10 8.70
N ASN D 233 0.95 -23.23 8.58
CA ASN D 233 0.19 -22.38 7.66
C ASN D 233 0.16 -20.89 7.99
N ASP D 234 0.66 -20.50 9.16
CA ASP D 234 0.81 -19.08 9.47
C ASP D 234 1.94 -18.46 8.66
N GLN D 235 2.88 -19.28 8.17
CA GLN D 235 4.04 -18.77 7.43
C GLN D 235 3.65 -18.35 6.01
N SER D 236 2.85 -17.30 5.93
CA SER D 236 2.28 -16.81 4.68
C SER D 236 2.59 -15.33 4.54
N CYS D 237 3.27 -14.95 3.47
CA CYS D 237 3.56 -13.54 3.26
C CYS D 237 2.27 -12.77 3.31
N GLU D 238 1.21 -13.36 2.76
CA GLU D 238 -0.06 -12.66 2.67
C GLU D 238 -0.55 -12.26 4.07
N ILE D 239 -0.45 -13.20 5.01
CA ILE D 239 -0.95 -12.94 6.35
C ILE D 239 -0.04 -11.95 7.06
N MET D 240 1.27 -12.15 6.94
CA MET D 240 2.25 -11.24 7.54
C MET D 240 2.07 -9.82 7.00
N LEU D 241 1.90 -9.71 5.69
CA LEU D 241 1.64 -8.42 5.07
C LEU D 241 0.35 -7.76 5.60
N ASN D 242 -0.67 -8.56 5.87
CA ASN D 242 -1.90 -8.00 6.44
C ASN D 242 -1.66 -7.32 7.78
N HIS D 243 -0.96 -8.01 8.66
CA HIS D 243 -0.67 -7.52 9.99
C HIS D 243 0.25 -6.29 9.95
N LEU D 244 1.32 -6.35 9.15
CA LEU D 244 2.25 -5.23 9.06
C LEU D 244 1.64 -4.01 8.40
N ALA D 245 0.85 -4.18 7.34
CA ALA D 245 0.13 -3.02 6.78
C ALA D 245 -0.87 -2.46 7.77
N THR D 246 -1.53 -3.33 8.52
CA THR D 246 -2.46 -2.90 9.55
C THR D 246 -1.70 -2.13 10.63
N ALA D 247 -0.52 -2.63 11.03
CA ALA D 247 0.33 -1.93 11.97
C ALA D 247 0.70 -0.53 11.47
N ARG D 248 1.04 -0.41 10.19
CA ARG D 248 1.34 0.92 9.68
C ARG D 248 0.14 1.84 9.93
N PHE D 249 -1.04 1.39 9.53
CA PHE D 249 -2.28 2.16 9.73
C PHE D 249 -2.53 2.48 11.22
N MET D 250 -2.41 1.46 12.06
CA MET D 250 -2.61 1.60 13.51
C MET D 250 -1.74 2.71 14.12
N ALA D 251 -0.47 2.78 13.73
CA ALA D 251 0.43 3.85 14.17
C ALA D 251 -0.05 5.23 13.77
N GLU D 252 -0.36 5.41 12.48
CA GLU D 252 -0.81 6.69 11.96
C GLU D 252 -2.17 7.12 12.51
N ALA D 253 -2.99 6.16 12.88
CA ALA D 253 -4.32 6.46 13.42
C ALA D 253 -4.41 6.14 14.91
N ALA D 254 -3.29 6.13 15.61
CA ALA D 254 -3.26 5.73 17.02
C ALA D 254 -4.29 6.45 17.90
N ASP D 255 -4.65 7.67 17.54
CA ASP D 255 -5.48 8.45 18.43
C ASP D 255 -6.95 8.07 18.34
N SER D 256 -7.36 7.51 17.20
CA SER D 256 -8.73 7.04 17.06
C SER D 256 -9.07 5.92 18.06
N TYR D 257 -8.10 5.07 18.40
CA TYR D 257 -8.36 4.03 19.42
C TYR D 257 -8.57 4.65 20.80
N ARG D 258 -7.87 5.75 21.07
CA ARG D 258 -8.02 6.52 22.30
C ARG D 258 -9.41 7.20 22.34
N MET D 259 -9.82 7.79 21.21
CA MET D 259 -11.15 8.36 21.03
C MET D 259 -12.21 7.32 21.41
N ASN D 260 -12.09 6.14 20.80
CA ASN D 260 -13.07 5.09 20.98
C ASN D 260 -13.18 4.64 22.43
N ALA D 261 -12.03 4.35 23.03
CA ALA D 261 -11.99 3.87 24.41
C ALA D 261 -12.58 4.92 25.35
N GLU D 262 -12.24 6.18 25.14
CA GLU D 262 -12.78 7.26 25.95
C GLU D 262 -14.29 7.36 25.81
N ARG D 263 -14.81 7.11 24.61
CA ARG D 263 -16.26 7.16 24.44
C ARG D 263 -16.95 6.02 25.21
N ILE D 264 -16.34 4.84 25.17
CA ILE D 264 -16.92 3.66 25.76
C ILE D 264 -16.85 3.69 27.28
N LEU D 265 -15.79 4.28 27.82
CA LEU D 265 -15.58 4.31 29.27
C LEU D 265 -16.05 5.61 29.90
N ALA D 266 -16.84 6.38 29.16
CA ALA D 266 -17.24 7.71 29.61
C ALA D 266 -17.70 7.80 31.09
N GLY D 267 -18.72 7.04 31.48
CA GLY D 267 -19.21 7.11 32.85
C GLY D 267 -18.59 6.12 33.84
N PHE D 268 -17.71 5.27 33.34
CA PHE D 268 -17.14 4.15 34.10
C PHE D 268 -16.47 4.59 35.41
N GLN D 269 -16.84 3.91 36.49
CA GLN D 269 -16.21 4.09 37.79
C GLN D 269 -15.64 2.75 38.23
N PRO D 270 -14.30 2.63 38.27
CA PRO D 270 -13.68 1.34 38.57
C PRO D 270 -13.90 0.90 40.00
N ASP D 271 -14.15 -0.38 40.18
CA ASP D 271 -14.19 -0.97 41.50
C ASP D 271 -12.76 -1.34 41.90
N GLU D 272 -12.32 -0.89 43.06
CA GLU D 272 -10.92 -1.12 43.48
C GLU D 272 -10.45 -2.56 43.27
N GLU D 273 -11.18 -3.52 43.82
CA GLU D 273 -10.76 -4.92 43.82
C GLU D 273 -10.71 -5.51 42.40
N MET D 274 -11.73 -5.23 41.60
CA MET D 274 -11.79 -5.71 40.24
C MET D 274 -10.61 -5.15 39.47
N ASN D 275 -10.25 -3.91 39.79
CA ASN D 275 -9.20 -3.20 39.09
C ASN D 275 -7.82 -3.74 39.47
N GLU D 276 -7.71 -4.33 40.66
CA GLU D 276 -6.45 -4.93 41.10
C GLU D 276 -6.21 -6.25 40.41
N ILE D 277 -7.26 -7.06 40.30
CA ILE D 277 -7.08 -8.40 39.75
C ILE D 277 -6.77 -8.33 38.26
N CYS D 278 -7.22 -7.25 37.62
CA CYS D 278 -6.88 -6.95 36.24
C CYS D 278 -5.42 -6.55 36.03
N LYS D 279 -4.67 -6.32 37.11
CA LYS D 279 -3.26 -5.96 36.97
C LYS D 279 -2.42 -7.21 36.77
N THR D 280 -1.47 -7.14 35.85
CA THR D 280 -0.65 -8.30 35.49
C THR D 280 0.19 -8.77 36.67
N GLU D 281 0.74 -7.82 37.41
CA GLU D 281 1.52 -8.11 38.62
CA GLU D 281 1.52 -8.12 38.61
C GLU D 281 0.67 -8.90 39.61
N PHE D 282 -0.58 -8.50 39.76
CA PHE D 282 -1.46 -9.19 40.69
C PHE D 282 -1.64 -10.64 40.23
N GLN D 283 -2.03 -10.84 38.98
CA GLN D 283 -2.18 -12.20 38.43
C GLN D 283 -0.93 -13.08 38.55
N MET D 284 0.24 -12.51 38.30
CA MET D 284 1.48 -13.28 38.37
C MET D 284 1.70 -13.75 39.80
N ARG D 285 1.38 -12.87 40.75
CA ARG D 285 1.55 -13.18 42.17
C ARG D 285 0.60 -14.28 42.64
N LEU D 286 -0.64 -14.27 42.16
CA LEU D 286 -1.58 -15.38 42.36
C LEU D 286 -1.07 -16.69 41.78
N LEU D 287 -0.79 -16.71 40.48
CA LEU D 287 -0.36 -17.92 39.79
C LEU D 287 0.98 -18.50 40.28
N TRP D 288 2.00 -17.65 40.39
CA TRP D 288 3.35 -18.13 40.68
C TRP D 288 3.86 -17.82 42.09
N GLY D 289 3.01 -17.23 42.92
CA GLY D 289 3.38 -16.87 44.28
C GLY D 289 4.38 -15.75 44.24
N SER D 290 4.68 -15.15 45.40
CA SER D 290 5.53 -13.96 45.48
C SER D 290 7.03 -14.27 45.35
N LYS D 291 7.38 -15.54 45.30
CA LYS D 291 8.78 -15.91 45.13
C LYS D 291 9.00 -16.35 43.69
N GLY D 292 8.08 -17.17 43.20
CA GLY D 292 8.25 -17.82 41.91
C GLY D 292 7.82 -17.00 40.71
N ALA D 293 7.25 -15.82 40.96
CA ALA D 293 6.77 -14.94 39.89
C ALA D 293 7.91 -14.17 39.21
N GLN D 294 9.12 -14.29 39.75
CA GLN D 294 10.26 -13.61 39.17
C GLN D 294 11.23 -14.59 38.52
N VAL D 295 10.74 -15.79 38.23
CA VAL D 295 11.52 -16.78 37.51
C VAL D 295 11.32 -16.63 36.01
N ASN D 296 12.33 -16.98 35.23
CA ASN D 296 12.23 -16.87 33.78
C ASN D 296 10.91 -17.40 33.24
N GLN D 297 10.40 -16.74 32.20
CA GLN D 297 9.14 -17.10 31.56
C GLN D 297 9.11 -18.55 31.13
N THR D 298 10.17 -19.00 30.45
CA THR D 298 10.15 -20.33 29.86
C THR D 298 9.76 -21.36 30.91
N GLU D 299 10.28 -21.19 32.12
CA GLU D 299 10.02 -22.11 33.22
C GLU D 299 8.63 -21.94 33.81
N ARG D 300 8.27 -20.69 34.12
CA ARG D 300 6.96 -20.39 34.66
C ARG D 300 5.88 -20.90 33.73
N TYR D 301 6.16 -20.90 32.43
CA TYR D 301 5.17 -21.36 31.47
C TYR D 301 5.10 -22.87 31.44
N GLU D 302 6.25 -23.54 31.41
CA GLU D 302 6.21 -25.00 31.42
C GLU D 302 5.56 -25.52 32.70
N LYS D 303 5.96 -24.93 33.82
CA LYS D 303 5.41 -25.32 35.11
C LYS D 303 3.88 -25.32 35.09
N PHE D 304 3.28 -24.36 34.39
CA PHE D 304 1.81 -24.32 34.31
C PHE D 304 1.24 -25.22 33.25
N ASN D 305 2.03 -25.50 32.22
CA ASN D 305 1.61 -26.43 31.20
C ASN D 305 1.37 -27.79 31.84
N GLN D 306 2.25 -28.18 32.75
CA GLN D 306 2.11 -29.43 33.47
C GLN D 306 1.04 -29.33 34.55
N ILE D 307 1.09 -28.26 35.35
CA ILE D 307 0.09 -28.02 36.37
C ILE D 307 -1.31 -28.09 35.77
N LEU D 308 -1.48 -27.50 34.58
CA LEU D 308 -2.78 -27.48 33.92
C LEU D 308 -3.17 -28.85 33.38
N THR D 309 -2.23 -29.54 32.71
CA THR D 309 -2.54 -30.87 32.21
C THR D 309 -2.94 -31.78 33.37
N ALA D 310 -2.26 -31.60 34.50
CA ALA D 310 -2.54 -32.41 35.69
C ALA D 310 -3.96 -32.18 36.21
N LEU D 311 -4.33 -30.93 36.42
CA LEU D 311 -5.70 -30.61 36.84
C LEU D 311 -6.71 -31.20 35.86
N SER D 312 -6.40 -31.16 34.58
CA SER D 312 -7.34 -31.65 33.57
C SER D 312 -7.53 -33.15 33.70
N ARG D 313 -6.46 -33.84 34.06
CA ARG D 313 -6.51 -35.28 34.28
C ARG D 313 -7.28 -35.63 35.55
N LYS D 314 -7.06 -34.85 36.62
CA LYS D 314 -7.77 -35.08 37.87
C LYS D 314 -9.28 -34.88 37.69
N LEU D 315 -9.67 -33.84 36.96
CA LEU D 315 -11.09 -33.54 36.78
C LEU D 315 -11.80 -34.52 35.86
N GLU D 316 -11.12 -34.93 34.79
CA GLU D 316 -11.68 -35.88 33.83
C GLU D 316 -10.59 -36.77 33.27
N PRO D 317 -10.40 -37.95 33.90
CA PRO D 317 -9.43 -38.93 33.40
C PRO D 317 -9.88 -39.49 32.04
N PRO D 318 -8.92 -40.04 31.27
CA PRO D 318 -9.20 -40.76 30.01
C PRO D 318 -9.56 -42.23 30.23
#